data_4U30
#
_entry.id   4U30
#
_cell.length_a   164.000
_cell.length_b   164.000
_cell.length_c   81.021
_cell.angle_alpha   90.00
_cell.angle_beta   90.00
_cell.angle_gamma   120.00
#
_symmetry.space_group_name_H-M   'P 3'
#
loop_
_entity.id
_entity.type
_entity.pdbx_description
1 polymer Trypsin-3
2 polymer Trypstatin
3 non-polymer 'CALCIUM ION'
4 water water
#
loop_
_entity_poly.entity_id
_entity_poly.type
_entity_poly.pdbx_seq_one_letter_code
_entity_poly.pdbx_strand_id
1 'polypeptide(L)'
;IVGGYTCEENSLPYQVSLNSGSHFCGGSLISEQWVVSAAHCYKTRIQVRLGEHNIKVLEGNEQFINAAKIIRHPKYNRDT
LDNDIMLIKLSSPAVINARVSTISLPTAPPAAGTECLISGWGNTLSFGADYPDELKCLDAPVLTQAECKASYPGKITNSM
FCVGFLEGGKDSCQRDAGGPVVCNGQLQGVVSWGHGCAWKNRPGVYTKVYNYVDWIKDTIAANS
;
A,B,C,D
2 'polypeptide(L)' TVAACANLPIVRGPCRAFIQLWAFDAVKGKCVLFPYGGCQGNGNKFYSEKECREYCGVP X,Y,Z,W
#
loop_
_chem_comp.id
_chem_comp.type
_chem_comp.name
_chem_comp.formula
CA non-polymer 'CALCIUM ION' 'Ca 2'
#
# COMPACT_ATOMS: atom_id res chain seq x y z
N ILE A 1 19.52 -1.36 17.20
CA ILE A 1 20.23 -2.31 16.30
C ILE A 1 21.53 -1.70 15.87
N VAL A 2 22.63 -2.42 16.07
CA VAL A 2 23.97 -1.93 15.71
C VAL A 2 24.45 -2.70 14.51
N GLY A 3 24.94 -1.97 13.51
CA GLY A 3 25.53 -2.58 12.32
C GLY A 3 24.52 -3.12 11.29
N GLY A 4 23.27 -2.68 11.36
CA GLY A 4 22.25 -3.10 10.40
C GLY A 4 21.90 -2.04 9.40
N TYR A 5 20.67 -2.08 8.89
CA TYR A 5 20.29 -1.14 7.83
C TYR A 5 18.86 -0.78 8.11
N THR A 6 18.47 0.37 7.59
CA THR A 6 17.12 0.79 7.65
C THR A 6 16.22 -0.12 6.81
N CYS A 7 15.21 -0.73 7.43
CA CYS A 7 14.21 -1.52 6.76
C CYS A 7 13.50 -0.68 5.69
N GLU A 8 12.98 -1.35 4.66
CA GLU A 8 12.06 -0.73 3.70
C GLU A 8 10.79 -0.44 4.42
N GLU A 9 10.24 0.72 4.17
CA GLU A 9 9.02 1.12 4.86
C GLU A 9 7.97 0.03 4.81
N ASN A 10 7.57 -0.43 5.99
CA ASN A 10 6.39 -1.25 6.21
C ASN A 10 6.57 -2.63 5.72
N SER A 11 7.80 -3.06 5.52
CA SER A 11 8.08 -4.42 5.11
C SER A 11 8.19 -5.43 6.27
N LEU A 12 8.16 -4.94 7.51
CA LEU A 12 8.00 -5.81 8.66
C LEU A 12 6.70 -5.39 9.39
N PRO A 13 5.57 -5.71 8.80
CA PRO A 13 4.30 -5.21 9.34
C PRO A 13 3.90 -5.81 10.67
N TYR A 14 4.69 -6.77 11.15
CA TYR A 14 4.47 -7.42 12.47
C TYR A 14 5.18 -6.62 13.62
N GLN A 15 6.13 -5.77 13.27
CA GLN A 15 6.92 -5.04 14.25
C GLN A 15 6.08 -3.95 14.87
N VAL A 16 6.03 -3.89 16.19
CA VAL A 16 5.36 -2.77 16.85
C VAL A 16 6.31 -2.03 17.76
N SER A 17 5.95 -0.81 18.03
CA SER A 17 6.62 -0.02 19.00
C SER A 17 5.77 0.09 20.25
N LEU A 18 6.35 -0.14 21.41
CA LEU A 18 5.61 0.13 22.63
C LEU A 18 6.00 1.52 23.15
N ASN A 19 5.02 2.29 23.60
CA ASN A 19 5.18 3.69 23.84
C ASN A 19 4.49 4.04 25.16
N SER A 20 5.15 4.82 26.01
CA SER A 20 4.52 5.25 27.30
C SER A 20 4.60 6.74 27.34
N GLY A 21 4.73 7.30 26.14
CA GLY A 21 5.07 8.71 25.99
C GLY A 21 6.18 8.80 24.96
N SER A 22 7.16 7.91 25.05
CA SER A 22 8.17 7.78 24.04
C SER A 22 8.29 6.31 23.82
N HIS A 23 9.06 5.95 22.83
CA HIS A 23 9.25 4.58 22.47
C HIS A 23 10.16 3.94 23.49
N PHE A 24 9.86 2.78 24.03
CA PHE A 24 10.80 2.18 25.00
C PHE A 24 11.09 0.72 24.83
N CYS A 25 10.34 0.06 23.95
CA CYS A 25 10.58 -1.33 23.61
C CYS A 25 9.90 -1.65 22.29
N GLY A 26 10.23 -2.81 21.79
CA GLY A 26 9.60 -3.44 20.63
C GLY A 26 8.57 -4.49 21.02
N GLY A 27 7.86 -5.00 20.02
CA GLY A 27 7.05 -6.17 20.14
C GLY A 27 6.72 -6.71 18.75
N SER A 28 5.94 -7.79 18.75
CA SER A 28 5.52 -8.55 17.55
C SER A 28 4.03 -8.82 17.61
N LEU A 29 3.32 -8.44 16.56
CA LEU A 29 1.88 -8.75 16.43
C LEU A 29 1.65 -10.26 16.09
N ILE A 30 0.99 -11.04 16.97
CA ILE A 30 0.83 -12.43 16.66
C ILE A 30 -0.60 -12.87 16.35
N SER A 31 -1.54 -12.05 16.76
CA SER A 31 -2.90 -12.14 16.27
C SER A 31 -3.44 -10.73 16.33
N GLU A 32 -4.71 -10.57 15.97
CA GLU A 32 -5.31 -9.28 15.80
C GLU A 32 -5.34 -8.54 17.08
N GLN A 33 -5.39 -9.22 18.20
CA GLN A 33 -5.45 -8.50 19.46
C GLN A 33 -4.30 -8.79 20.42
N TRP A 34 -3.30 -9.53 19.99
CA TRP A 34 -2.24 -9.92 20.89
C TRP A 34 -0.86 -9.64 20.31
N VAL A 35 0.01 -9.15 21.19
CA VAL A 35 1.40 -8.86 20.95
C VAL A 35 2.27 -9.56 21.97
N VAL A 36 3.38 -10.06 21.50
CA VAL A 36 4.44 -10.62 22.29
C VAL A 36 5.61 -9.65 22.44
N SER A 37 6.12 -9.58 23.66
CA SER A 37 7.23 -8.72 23.95
C SER A 37 8.04 -9.36 25.09
N ALA A 38 8.91 -8.60 25.73
CA ALA A 38 9.74 -9.12 26.83
C ALA A 38 9.15 -8.69 28.15
N ALA A 39 9.24 -9.58 29.14
CA ALA A 39 8.71 -9.32 30.49
C ALA A 39 9.30 -8.09 31.15
N HIS A 40 10.57 -7.89 30.89
CA HIS A 40 11.22 -6.74 31.46
C HIS A 40 10.88 -5.40 30.82
N CYS A 41 10.17 -5.42 29.68
CA CYS A 41 9.53 -4.23 29.11
C CYS A 41 8.23 -3.89 29.87
N TYR A 42 7.89 -4.61 30.93
CA TYR A 42 6.63 -4.34 31.65
C TYR A 42 6.49 -2.88 32.12
N LYS A 43 5.34 -2.27 31.89
CA LYS A 43 4.97 -1.03 32.55
C LYS A 43 3.50 -1.14 32.70
N THR A 44 2.93 -0.25 33.50
CA THR A 44 1.54 -0.39 33.94
C THR A 44 0.60 -0.06 32.85
N ARG A 45 0.98 0.99 32.11
CA ARG A 45 0.27 1.54 30.98
C ARG A 45 1.24 1.54 29.82
N ILE A 46 0.75 1.04 28.68
CA ILE A 46 1.49 0.96 27.47
C ILE A 46 0.58 1.17 26.26
N GLN A 47 1.03 1.95 25.29
CA GLN A 47 0.35 2.10 23.98
C GLN A 47 1.10 1.36 22.92
N VAL A 48 0.39 0.59 22.15
CA VAL A 48 1.00 -0.16 21.08
C VAL A 48 0.86 0.64 19.80
N ARG A 49 1.95 0.79 19.08
CA ARG A 49 1.91 1.56 17.83
C ARG A 49 2.25 0.67 16.67
N LEU A 50 1.31 0.53 15.74
CA LEU A 50 1.48 -0.42 14.65
C LEU A 50 1.58 0.33 13.37
N GLY A 51 2.24 -0.28 12.41
CA GLY A 51 2.43 0.38 11.09
C GLY A 51 3.40 1.54 11.11
N GLU A 52 4.23 1.58 12.17
CA GLU A 52 5.28 2.55 12.30
C GLU A 52 6.45 2.31 11.36
N HIS A 53 7.06 3.39 10.95
CA HIS A 53 8.34 3.29 10.37
C HIS A 53 9.26 4.30 11.02
N ASN A 54 8.89 5.55 10.94
CA ASN A 54 9.61 6.60 11.58
C ASN A 54 8.85 7.02 12.79
N ILE A 55 9.31 6.66 13.96
CA ILE A 55 8.51 6.89 15.17
C ILE A 55 8.39 8.32 15.60
N LYS A 56 9.17 9.21 15.02
CA LYS A 56 9.06 10.62 15.32
C LYS A 56 8.17 11.41 14.41
N VAL A 57 7.73 10.82 13.29
CA VAL A 57 6.94 11.55 12.29
C VAL A 57 5.57 10.87 12.10
N LEU A 58 4.51 11.62 12.23
CA LEU A 58 3.17 11.14 11.92
C LEU A 58 3.09 10.94 10.40
N GLU A 59 3.08 9.69 9.93
CA GLU A 59 3.01 9.37 8.50
C GLU A 59 1.57 9.08 8.06
N GLY A 60 0.62 9.01 9.00
CA GLY A 60 -0.83 8.91 8.68
C GLY A 60 -1.42 7.49 8.70
N ASN A 61 -0.56 6.49 8.52
CA ASN A 61 -0.96 5.07 8.55
C ASN A 61 -0.69 4.28 9.84
N GLU A 62 -0.24 4.91 10.92
CA GLU A 62 -0.01 4.16 12.08
C GLU A 62 -1.36 3.87 12.75
N GLN A 63 -1.41 2.81 13.52
CA GLN A 63 -2.51 2.59 14.43
C GLN A 63 -2.00 2.71 15.89
N PHE A 64 -2.68 3.49 16.70
CA PHE A 64 -2.26 3.71 18.04
C PHE A 64 -3.25 2.97 18.90
N ILE A 65 -2.87 1.95 19.66
CA ILE A 65 -3.88 1.21 20.39
C ILE A 65 -3.41 0.89 21.79
N ASN A 66 -4.14 1.33 22.82
CA ASN A 66 -3.76 1.00 24.20
C ASN A 66 -3.81 -0.50 24.56
N ALA A 67 -2.92 -0.93 25.44
CA ALA A 67 -2.92 -2.31 25.96
C ALA A 67 -4.01 -2.39 26.94
N ALA A 68 -4.85 -3.40 26.84
CA ALA A 68 -5.89 -3.62 27.83
C ALA A 68 -5.42 -4.56 28.93
N LYS A 69 -4.49 -5.45 28.62
CA LYS A 69 -3.95 -6.40 29.58
C LYS A 69 -2.49 -6.52 29.31
N ILE A 70 -1.70 -6.63 30.35
CA ILE A 70 -0.30 -6.74 30.19
C ILE A 70 0.15 -7.85 31.10
N ILE A 71 0.51 -8.97 30.52
CA ILE A 71 0.65 -10.20 31.26
C ILE A 71 2.07 -10.71 31.16
N ARG A 72 2.85 -10.46 32.19
CA ARG A 72 4.13 -11.13 32.25
C ARG A 72 4.05 -12.65 32.43
N HIS A 73 5.04 -13.36 31.88
CA HIS A 73 5.18 -14.78 32.19
C HIS A 73 5.19 -14.98 33.72
N PRO A 74 4.33 -15.88 34.23
CA PRO A 74 4.20 -16.00 35.68
C PRO A 74 5.49 -16.50 36.32
N LYS A 75 6.30 -17.24 35.57
CA LYS A 75 7.65 -17.61 36.03
C LYS A 75 8.84 -16.76 35.59
N TYR A 76 8.59 -15.52 35.24
CA TYR A 76 9.71 -14.63 34.93
C TYR A 76 10.48 -14.33 36.21
N ASN A 77 11.76 -14.63 36.16
CA ASN A 77 12.71 -14.52 37.23
C ASN A 77 13.61 -13.28 37.08
N ARG A 78 13.49 -12.34 38.01
CA ARG A 78 14.22 -11.09 37.97
C ARG A 78 15.66 -11.27 38.27
N ASP A 79 16.04 -12.41 38.81
CA ASP A 79 17.44 -12.59 39.18
C ASP A 79 18.22 -13.15 38.04
N THR A 80 17.72 -14.20 37.43
CA THR A 80 18.38 -14.88 36.28
C THR A 80 17.87 -14.50 34.85
N LEU A 81 16.68 -13.87 34.76
CA LEU A 81 16.07 -13.48 33.48
C LEU A 81 15.39 -14.64 32.74
N ASP A 82 15.42 -15.80 33.32
CA ASP A 82 14.60 -16.90 32.87
C ASP A 82 13.15 -16.50 32.57
N ASN A 83 12.62 -17.03 31.45
CA ASN A 83 11.27 -16.78 30.98
C ASN A 83 10.94 -15.29 30.74
N ASP A 84 11.86 -14.57 30.08
CA ASP A 84 11.65 -13.16 29.75
C ASP A 84 10.75 -13.03 28.53
N ILE A 85 9.44 -13.18 28.76
CA ILE A 85 8.46 -13.04 27.73
C ILE A 85 7.17 -12.50 28.34
N MET A 86 6.39 -11.77 27.56
CA MET A 86 5.19 -11.08 28.03
C MET A 86 4.21 -11.00 26.87
N LEU A 87 2.94 -10.98 27.18
CA LEU A 87 1.92 -10.84 26.19
C LEU A 87 1.11 -9.59 26.50
N ILE A 88 0.71 -8.90 25.45
CA ILE A 88 -0.11 -7.75 25.62
C ILE A 88 -1.35 -7.93 24.81
N LYS A 89 -2.48 -7.65 25.42
CA LYS A 89 -3.73 -7.65 24.68
C LYS A 89 -4.21 -6.26 24.35
N LEU A 90 -4.50 -6.03 23.07
CA LEU A 90 -4.95 -4.73 22.62
C LEU A 90 -6.40 -4.41 23.09
N SER A 91 -6.70 -3.15 23.37
CA SER A 91 -8.04 -2.79 23.90
C SER A 91 -9.09 -2.84 22.82
N SER A 92 -8.62 -2.80 21.60
CA SER A 92 -9.44 -3.06 20.43
C SER A 92 -8.57 -3.66 19.31
N PRO A 93 -9.17 -4.41 18.40
CA PRO A 93 -8.34 -5.17 17.47
C PRO A 93 -7.64 -4.33 16.48
N ALA A 94 -6.43 -4.72 16.15
CA ALA A 94 -5.70 -4.12 15.05
C ALA A 94 -6.43 -4.38 13.75
N VAL A 95 -6.39 -3.41 12.85
CA VAL A 95 -6.91 -3.54 11.51
C VAL A 95 -5.78 -4.06 10.66
N ILE A 96 -5.96 -5.26 10.10
CA ILE A 96 -4.93 -5.94 9.31
C ILE A 96 -4.96 -5.42 7.89
N ASN A 97 -3.80 -5.20 7.29
CA ASN A 97 -3.69 -4.63 5.98
C ASN A 97 -2.27 -4.74 5.51
N ALA A 98 -1.94 -4.14 4.38
CA ALA A 98 -0.59 -4.31 3.84
C ALA A 98 0.56 -3.94 4.83
N ARG A 99 0.28 -2.97 5.72
CA ARG A 99 1.27 -2.41 6.65
C ARG A 99 1.22 -3.00 8.06
N VAL A 100 0.16 -3.70 8.40
CA VAL A 100 0.00 -4.23 9.72
C VAL A 100 -0.55 -5.62 9.57
N SER A 101 0.21 -6.62 9.98
CA SER A 101 -0.21 -8.02 9.92
C SER A 101 0.60 -8.89 10.92
N THR A 102 0.23 -10.16 11.08
CA THR A 102 0.73 -10.97 12.16
C THR A 102 1.91 -11.76 11.69
N ILE A 103 2.76 -12.19 12.64
CA ILE A 103 3.86 -13.09 12.33
C ILE A 103 3.48 -14.44 12.98
N SER A 104 3.77 -15.50 12.28
CA SER A 104 3.38 -16.81 12.73
C SER A 104 4.27 -17.22 13.88
N LEU A 105 3.70 -17.89 14.88
CA LEU A 105 4.45 -18.55 15.89
C LEU A 105 5.20 -19.71 15.32
N PRO A 106 6.25 -20.19 16.00
CA PRO A 106 7.15 -21.21 15.41
C PRO A 106 6.69 -22.64 15.65
N THR A 107 7.14 -23.56 14.81
CA THR A 107 6.79 -25.00 14.93
C THR A 107 7.93 -25.89 15.42
N ALA A 108 9.15 -25.37 15.50
CA ALA A 108 10.31 -26.11 16.01
C ALA A 108 11.35 -25.10 16.51
N PRO A 109 12.21 -25.49 17.47
CA PRO A 109 13.22 -24.46 17.77
C PRO A 109 14.04 -24.23 16.52
N PRO A 110 14.81 -23.17 16.50
CA PRO A 110 15.51 -22.92 15.23
C PRO A 110 16.86 -23.57 15.27
N ALA A 111 17.33 -24.02 14.13
CA ALA A 111 18.62 -24.64 14.08
C ALA A 111 19.78 -23.62 14.08
N ALA A 112 20.90 -24.02 14.66
CA ALA A 112 22.13 -23.23 14.59
C ALA A 112 22.47 -23.04 13.12
N GLY A 113 22.92 -21.86 12.74
CA GLY A 113 23.22 -21.47 11.38
C GLY A 113 22.09 -20.73 10.67
N THR A 114 20.85 -20.95 11.10
CA THR A 114 19.70 -20.37 10.39
C THR A 114 19.82 -18.82 10.37
N GLU A 115 19.71 -18.18 9.20
CA GLU A 115 19.76 -16.72 9.10
C GLU A 115 18.44 -16.16 9.52
N CYS A 116 18.49 -15.15 10.38
CA CYS A 116 17.30 -14.57 10.97
C CYS A 116 17.29 -13.08 10.76
N LEU A 117 16.16 -12.46 11.05
CA LEU A 117 16.03 -11.06 10.81
C LEU A 117 15.58 -10.44 12.11
N ILE A 118 16.39 -9.48 12.57
CA ILE A 118 16.15 -8.82 13.86
C ILE A 118 15.94 -7.37 13.61
N SER A 119 15.01 -6.78 14.35
CA SER A 119 14.65 -5.38 14.02
C SER A 119 14.25 -4.56 15.21
N GLY A 120 14.38 -3.25 15.11
CA GLY A 120 13.74 -2.34 15.98
C GLY A 120 14.34 -0.94 15.93
N TRP A 121 13.89 -0.09 16.89
CA TRP A 121 14.37 1.26 17.02
C TRP A 121 15.45 1.52 18.10
N GLY A 122 16.23 0.52 18.44
CA GLY A 122 17.24 0.73 19.47
C GLY A 122 18.48 1.47 19.02
N ASN A 123 19.42 1.55 19.94
CA ASN A 123 20.66 2.29 19.71
C ASN A 123 21.45 1.64 18.58
N THR A 124 22.08 2.47 17.75
CA THR A 124 22.97 2.05 16.68
C THR A 124 24.50 2.17 17.00
N LEU A 125 24.89 2.49 18.23
CA LEU A 125 26.34 2.47 18.58
C LEU A 125 26.67 1.49 19.70
N SER A 126 27.85 0.92 19.59
CA SER A 126 28.43 0.04 20.56
C SER A 126 29.01 0.90 21.73
N PHE A 127 29.33 2.16 21.42
CA PHE A 127 29.92 3.13 22.34
C PHE A 127 29.27 4.48 22.14
N GLY A 128 28.63 4.99 23.15
CA GLY A 128 27.88 6.25 22.93
C GLY A 128 26.41 5.93 22.64
N ALA A 129 25.66 6.92 22.21
CA ALA A 129 24.25 6.74 21.95
C ALA A 129 23.83 7.45 20.68
N ASP A 130 23.17 6.73 19.76
CA ASP A 130 22.48 7.32 18.62
C ASP A 130 21.24 6.52 18.30
N TYR A 131 20.10 7.05 18.74
CA TYR A 131 18.83 6.42 18.61
C TYR A 131 18.13 6.82 17.28
N PRO A 132 17.80 5.84 16.47
CA PRO A 132 17.33 6.21 15.12
C PRO A 132 15.83 6.56 15.13
N ASP A 133 15.46 7.46 14.24
CA ASP A 133 14.06 7.72 13.85
C ASP A 133 13.31 6.56 13.05
N GLU A 134 14.04 5.85 12.19
CA GLU A 134 13.43 4.81 11.33
C GLU A 134 13.89 3.41 11.69
N LEU A 135 12.95 2.49 11.53
CA LEU A 135 13.17 1.12 11.89
C LEU A 135 14.40 0.53 11.27
N LYS A 136 15.17 -0.20 12.09
CA LYS A 136 16.40 -0.83 11.66
C LYS A 136 16.24 -2.33 11.73
N CYS A 137 17.02 -2.98 10.91
CA CYS A 137 16.95 -4.40 10.60
C CYS A 137 18.35 -4.92 10.58
N LEU A 138 18.47 -6.21 10.84
CA LEU A 138 19.76 -6.85 10.79
C LEU A 138 19.59 -8.31 10.50
N ASP A 139 20.46 -8.80 9.63
CA ASP A 139 20.51 -10.24 9.31
C ASP A 139 21.60 -10.84 10.15
N ALA A 140 21.21 -11.87 10.88
CA ALA A 140 22.10 -12.55 11.80
C ALA A 140 21.76 -14.02 12.01
N PRO A 141 22.79 -14.91 12.09
CA PRO A 141 22.59 -16.31 12.39
C PRO A 141 22.38 -16.63 13.84
N VAL A 142 21.68 -17.73 14.05
CA VAL A 142 21.52 -18.33 15.32
C VAL A 142 22.84 -19.01 15.63
N LEU A 143 23.31 -18.87 16.88
CA LEU A 143 24.55 -19.52 17.30
C LEU A 143 24.26 -20.86 18.01
N THR A 144 25.28 -21.70 18.13
CA THR A 144 25.10 -22.98 18.87
C THR A 144 24.93 -22.69 20.35
N GLN A 145 24.20 -23.55 21.07
CA GLN A 145 24.19 -23.51 22.55
C GLN A 145 25.57 -23.46 23.15
N ALA A 146 26.52 -24.17 22.58
CA ALA A 146 27.89 -24.14 23.12
C ALA A 146 28.53 -22.76 23.04
N GLU A 147 28.44 -22.10 21.89
CA GLU A 147 29.03 -20.75 21.74
C GLU A 147 28.28 -19.76 22.66
N CYS A 148 27.01 -20.04 22.90
CA CYS A 148 26.19 -19.11 23.63
C CYS A 148 26.58 -19.19 25.13
N LYS A 149 26.60 -20.40 25.70
CA LYS A 149 27.13 -20.66 27.03
C LYS A 149 28.57 -20.22 27.29
N ALA A 150 29.46 -20.53 26.38
CA ALA A 150 30.83 -20.02 26.46
C ALA A 150 30.91 -18.54 26.50
N SER A 151 29.97 -17.84 25.87
CA SER A 151 30.02 -16.38 25.85
C SER A 151 29.57 -15.81 27.20
N TYR A 152 28.64 -16.51 27.83
CA TYR A 152 27.98 -16.05 29.09
C TYR A 152 27.91 -17.19 30.15
N PRO A 153 29.09 -17.63 30.59
CA PRO A 153 29.21 -18.82 31.41
C PRO A 153 28.32 -18.71 32.57
N GLY A 154 27.56 -19.75 32.81
CA GLY A 154 26.70 -19.78 33.96
C GLY A 154 25.37 -19.05 33.84
N LYS A 155 25.14 -18.25 32.78
CA LYS A 155 23.90 -17.42 32.74
C LYS A 155 22.81 -17.80 31.76
N ILE A 156 23.14 -18.65 30.79
CA ILE A 156 22.20 -19.07 29.80
C ILE A 156 21.28 -20.16 30.34
N THR A 157 20.05 -19.80 30.67
CA THR A 157 19.03 -20.76 31.02
C THR A 157 18.44 -21.44 29.77
N ASN A 158 17.51 -22.32 30.05
CA ASN A 158 16.75 -23.03 29.04
C ASN A 158 15.83 -22.19 28.15
N SER A 159 15.41 -21.04 28.65
CA SER A 159 14.61 -20.15 27.89
C SER A 159 15.44 -19.27 26.94
N MET A 160 16.74 -19.48 26.77
CA MET A 160 17.52 -18.45 26.11
C MET A 160 18.37 -19.02 25.02
N PHE A 161 18.61 -18.23 23.96
CA PHE A 161 19.59 -18.60 22.94
C PHE A 161 20.19 -17.36 22.40
N CYS A 162 21.32 -17.51 21.73
CA CYS A 162 22.05 -16.39 21.23
C CYS A 162 21.95 -16.28 19.71
N VAL A 163 22.00 -15.06 19.22
CA VAL A 163 21.92 -14.77 17.82
C VAL A 163 22.80 -13.57 17.55
N GLY A 164 23.73 -13.78 16.64
CA GLY A 164 24.60 -12.73 16.24
C GLY A 164 25.90 -13.19 15.61
N PHE A 165 26.95 -12.47 15.94
CA PHE A 165 28.26 -12.56 15.35
C PHE A 165 29.30 -12.45 16.48
N LEU A 166 30.04 -13.51 16.71
CA LEU A 166 31.04 -13.51 17.77
C LEU A 166 32.17 -12.48 17.54
N GLU A 167 32.45 -12.09 16.33
CA GLU A 167 33.42 -11.04 16.11
C GLU A 167 32.89 -9.66 16.57
N GLY A 168 31.61 -9.58 16.94
CA GLY A 168 31.00 -8.28 17.34
C GLY A 168 30.64 -7.39 16.16
N GLY A 169 30.08 -6.21 16.42
CA GLY A 169 29.83 -5.21 15.38
C GLY A 169 28.39 -5.15 14.87
N LYS A 170 27.63 -6.20 15.19
CA LYS A 170 26.24 -6.38 14.81
C LYS A 170 25.44 -7.06 15.89
N ASP A 171 24.38 -6.43 16.36
CA ASP A 171 23.59 -6.95 17.50
C ASP A 171 22.41 -6.03 17.68
N SER A 172 21.41 -6.50 18.41
CA SER A 172 20.41 -5.61 18.99
C SER A 172 20.97 -4.86 20.23
N CYS A 173 20.19 -3.94 20.78
CA CYS A 173 20.69 -2.98 21.70
C CYS A 173 19.55 -2.33 22.49
N GLN A 174 19.88 -1.42 23.40
CA GLN A 174 18.84 -0.83 24.24
C GLN A 174 17.79 -0.13 23.38
N ARG A 175 16.55 -0.29 23.80
CA ARG A 175 15.33 0.06 23.08
C ARG A 175 14.90 -0.93 22.02
N ASP A 176 15.64 -2.01 21.80
CA ASP A 176 15.16 -3.10 20.94
C ASP A 176 14.44 -4.19 21.76
N ALA A 177 14.60 -4.22 23.07
CA ALA A 177 14.05 -5.33 23.84
C ALA A 177 12.59 -5.52 23.54
N GLY A 178 12.15 -6.76 23.56
CA GLY A 178 10.79 -7.06 23.18
C GLY A 178 10.57 -7.33 21.71
N GLY A 179 11.44 -6.83 20.84
CA GLY A 179 11.25 -6.99 19.42
C GLY A 179 11.53 -8.39 18.93
N PRO A 180 11.24 -8.63 17.65
CA PRO A 180 11.23 -9.93 17.05
C PRO A 180 12.58 -10.40 16.45
N VAL A 181 12.78 -11.71 16.49
CA VAL A 181 13.80 -12.41 15.70
C VAL A 181 12.92 -13.35 14.89
N VAL A 182 12.89 -13.11 13.59
CA VAL A 182 12.15 -13.92 12.66
C VAL A 182 13.07 -14.74 11.80
N CYS A 183 12.80 -16.05 11.77
CA CYS A 183 13.55 -17.02 10.96
C CYS A 183 12.53 -17.81 10.15
N ASN A 184 12.72 -17.77 8.85
CA ASN A 184 11.88 -18.50 7.90
C ASN A 184 10.42 -18.37 8.21
N GLY A 185 9.92 -17.15 8.15
CA GLY A 185 8.49 -16.90 8.30
C GLY A 185 7.95 -17.02 9.69
N GLN A 186 8.83 -17.31 10.66
CA GLN A 186 8.30 -17.49 12.03
C GLN A 186 9.04 -16.70 13.14
N LEU A 187 8.29 -16.39 14.18
CA LEU A 187 8.80 -15.66 15.31
C LEU A 187 9.52 -16.61 16.20
N GLN A 188 10.83 -16.52 16.20
CA GLN A 188 11.63 -17.48 16.93
C GLN A 188 12.20 -16.91 18.22
N GLY A 189 12.41 -15.60 18.27
CA GLY A 189 12.97 -14.99 19.41
C GLY A 189 12.47 -13.64 19.80
N VAL A 190 12.70 -13.32 21.06
CA VAL A 190 12.47 -11.99 21.61
C VAL A 190 13.75 -11.39 22.16
N VAL A 191 13.96 -10.11 21.84
CA VAL A 191 15.16 -9.41 22.22
C VAL A 191 15.17 -9.30 23.74
N SER A 192 16.26 -9.72 24.36
CA SER A 192 16.27 -9.78 25.85
C SER A 192 17.42 -9.01 26.42
N TRP A 193 18.63 -9.57 26.36
CA TRP A 193 19.80 -8.95 27.00
C TRP A 193 21.13 -9.26 26.35
N GLY A 194 22.15 -8.51 26.78
CA GLY A 194 23.53 -8.85 26.56
C GLY A 194 24.47 -7.96 27.34
N HIS A 195 25.78 -8.27 27.26
CA HIS A 195 26.78 -7.43 27.85
C HIS A 195 27.19 -6.47 26.82
N GLY A 196 26.79 -5.25 27.01
CA GLY A 196 27.03 -4.24 26.01
C GLY A 196 26.12 -4.58 24.82
N CYS A 197 26.47 -4.01 23.66
CA CYS A 197 25.81 -4.26 22.37
C CYS A 197 26.88 -4.39 21.37
N ALA A 198 26.89 -5.51 20.67
CA ALA A 198 27.82 -5.70 19.55
C ALA A 198 29.26 -5.70 19.99
N TRP A 199 29.51 -6.11 21.23
CA TRP A 199 30.87 -6.30 21.61
C TRP A 199 31.30 -7.72 21.27
N LYS A 200 32.57 -7.81 20.97
CA LYS A 200 33.15 -9.04 20.56
C LYS A 200 32.94 -10.04 21.67
N ASN A 201 32.58 -11.25 21.26
CA ASN A 201 32.20 -12.35 22.16
C ASN A 201 30.99 -12.20 23.02
N ARG A 202 30.21 -11.16 22.79
CA ARG A 202 29.06 -10.92 23.61
C ARG A 202 27.85 -10.78 22.70
N PRO A 203 27.45 -11.88 22.13
CA PRO A 203 26.30 -11.82 21.30
C PRO A 203 25.03 -11.54 22.11
N GLY A 204 24.03 -10.97 21.47
CA GLY A 204 22.68 -10.87 22.03
C GLY A 204 22.09 -12.20 22.47
N VAL A 205 21.31 -12.14 23.53
CA VAL A 205 20.68 -13.27 24.05
C VAL A 205 19.21 -13.01 23.89
N TYR A 206 18.42 -14.05 23.57
CA TYR A 206 17.06 -13.88 23.16
C TYR A 206 16.21 -14.92 23.82
N THR A 207 14.95 -14.62 24.12
CA THR A 207 14.04 -15.60 24.67
C THR A 207 13.56 -16.49 23.56
N LYS A 208 13.58 -17.80 23.78
CA LYS A 208 13.06 -18.85 22.82
C LYS A 208 11.58 -18.90 22.75
N VAL A 209 11.01 -18.35 21.69
CA VAL A 209 9.56 -18.26 21.64
C VAL A 209 8.91 -19.63 21.59
N TYR A 210 9.54 -20.58 20.88
CA TYR A 210 9.00 -21.94 20.69
C TYR A 210 8.59 -22.53 22.02
N ASN A 211 9.40 -22.34 23.06
CA ASN A 211 9.04 -22.92 24.36
C ASN A 211 7.78 -22.38 24.96
N TYR A 212 7.23 -21.25 24.49
CA TYR A 212 6.03 -20.63 25.16
C TYR A 212 4.75 -20.75 24.37
N VAL A 213 4.84 -21.48 23.26
CA VAL A 213 3.72 -21.67 22.32
C VAL A 213 2.42 -22.13 23.02
N ASP A 214 2.50 -23.13 23.90
CA ASP A 214 1.28 -23.57 24.60
C ASP A 214 0.82 -22.50 25.58
N TRP A 215 1.77 -21.88 26.30
CA TRP A 215 1.42 -20.77 27.23
C TRP A 215 0.70 -19.60 26.51
N ILE A 216 1.20 -19.26 25.32
CA ILE A 216 0.57 -18.24 24.55
C ILE A 216 -0.85 -18.65 24.19
N LYS A 217 -1.02 -19.77 23.49
CA LYS A 217 -2.39 -20.36 23.30
C LYS A 217 -3.31 -20.31 24.52
N ASP A 218 -2.77 -20.64 25.69
CA ASP A 218 -3.63 -20.83 26.86
C ASP A 218 -4.08 -19.47 27.35
N THR A 219 -3.11 -18.58 27.43
CA THR A 219 -3.32 -17.23 27.86
C THR A 219 -4.30 -16.49 26.89
N ILE A 220 -4.15 -16.66 25.58
CA ILE A 220 -5.13 -16.10 24.67
C ILE A 220 -6.50 -16.71 25.00
N ALA A 221 -6.60 -18.03 25.04
CA ALA A 221 -7.92 -18.66 25.34
C ALA A 221 -8.58 -18.17 26.61
N ALA A 222 -7.77 -17.94 27.65
CA ALA A 222 -8.24 -17.60 29.00
C ALA A 222 -8.62 -16.14 29.21
N ASN A 223 -8.21 -15.30 28.25
CA ASN A 223 -8.49 -13.87 28.32
C ASN A 223 -9.30 -13.36 27.14
N SER A 224 -10.14 -14.21 26.56
CA SER A 224 -11.01 -13.78 25.45
C SER A 224 -12.40 -13.36 25.91
N ILE B 1 -11.87 -5.15 -38.16
CA ILE B 1 -11.65 -4.90 -39.62
C ILE B 1 -12.53 -5.87 -40.37
N VAL B 2 -13.38 -5.35 -41.26
CA VAL B 2 -14.33 -6.17 -41.98
C VAL B 2 -13.83 -6.27 -43.42
N GLY B 3 -13.78 -7.50 -43.93
CA GLY B 3 -13.39 -7.75 -45.32
C GLY B 3 -11.90 -7.54 -45.67
N GLY B 4 -11.01 -7.62 -44.68
CA GLY B 4 -9.57 -7.51 -44.89
C GLY B 4 -8.91 -8.85 -44.71
N TYR B 5 -7.63 -8.86 -44.33
CA TYR B 5 -6.88 -10.13 -44.29
C TYR B 5 -6.00 -10.05 -43.08
N THR B 6 -5.58 -11.21 -42.61
CA THR B 6 -4.63 -11.29 -41.55
C THR B 6 -3.25 -10.76 -42.00
N CYS B 7 -2.73 -9.76 -41.31
CA CYS B 7 -1.40 -9.25 -41.53
C CYS B 7 -0.37 -10.38 -41.39
N GLU B 8 0.76 -10.23 -42.10
CA GLU B 8 1.94 -11.06 -41.82
C GLU B 8 2.43 -10.67 -40.45
N GLU B 9 2.78 -11.67 -39.67
CA GLU B 9 3.23 -11.44 -38.32
C GLU B 9 4.25 -10.36 -38.24
N ASN B 10 3.93 -9.30 -37.51
CA ASN B 10 4.90 -8.29 -37.12
C ASN B 10 5.32 -7.42 -38.28
N SER B 11 4.54 -7.39 -39.35
CA SER B 11 4.80 -6.50 -40.45
C SER B 11 4.27 -5.08 -40.24
N LEU B 12 3.47 -4.86 -39.20
CA LEU B 12 3.05 -3.52 -38.80
C LEU B 12 3.57 -3.28 -37.38
N PRO B 13 4.86 -3.06 -37.25
CA PRO B 13 5.49 -2.97 -35.92
C PRO B 13 5.11 -1.76 -35.12
N TYR B 14 4.42 -0.82 -35.75
CA TYR B 14 3.89 0.38 -35.10
C TYR B 14 2.49 0.16 -34.46
N GLN B 15 1.81 -0.93 -34.77
CA GLN B 15 0.44 -1.17 -34.27
C GLN B 15 0.49 -1.63 -32.83
N VAL B 16 -0.26 -0.98 -31.94
CA VAL B 16 -0.34 -1.49 -30.57
C VAL B 16 -1.79 -1.83 -30.18
N SER B 17 -1.91 -2.64 -29.16
CA SER B 17 -3.19 -2.97 -28.58
C SER B 17 -3.25 -2.29 -27.25
N LEU B 18 -4.32 -1.56 -27.01
CA LEU B 18 -4.55 -1.03 -25.67
C LEU B 18 -5.37 -2.03 -24.89
N ASN B 19 -4.98 -2.30 -23.67
CA ASN B 19 -5.55 -3.38 -22.89
C ASN B 19 -5.87 -2.92 -21.50
N SER B 20 -7.00 -3.34 -20.92
CA SER B 20 -7.40 -2.88 -19.57
C SER B 20 -7.82 -4.06 -18.77
N GLY B 21 -7.25 -5.17 -19.15
CA GLY B 21 -7.72 -6.50 -18.79
C GLY B 21 -7.95 -7.29 -20.09
N SER B 22 -8.56 -6.68 -21.10
CA SER B 22 -8.72 -7.26 -22.44
C SER B 22 -8.46 -6.16 -23.43
N HIS B 23 -8.38 -6.53 -24.68
CA HIS B 23 -8.07 -5.60 -25.71
C HIS B 23 -9.32 -4.72 -25.92
N PHE B 24 -9.17 -3.43 -26.08
CA PHE B 24 -10.36 -2.59 -26.29
C PHE B 24 -10.22 -1.49 -27.29
N CYS B 25 -8.99 -1.17 -27.65
CA CYS B 25 -8.68 -0.23 -28.72
C CYS B 25 -7.30 -0.53 -29.31
N GLY B 26 -7.08 0.09 -30.46
CA GLY B 26 -5.76 0.24 -31.07
C GLY B 26 -5.03 1.52 -30.73
N GLY B 27 -3.80 1.59 -31.19
CA GLY B 27 -3.00 2.78 -31.24
C GLY B 27 -1.81 2.59 -32.19
N SER B 28 -0.97 3.61 -32.27
CA SER B 28 0.23 3.69 -33.14
C SER B 28 1.39 4.23 -32.35
N LEU B 29 2.49 3.52 -32.32
CA LEU B 29 3.75 4.04 -31.70
C LEU B 29 4.40 5.14 -32.58
N ILE B 30 4.51 6.37 -32.09
CA ILE B 30 5.12 7.40 -32.93
C ILE B 30 6.51 7.87 -32.46
N SER B 31 6.81 7.61 -31.20
CA SER B 31 8.17 7.70 -30.70
C SER B 31 8.32 6.64 -29.61
N GLU B 32 9.51 6.56 -29.04
CA GLU B 32 9.89 5.50 -28.13
C GLU B 32 8.98 5.47 -26.93
N GLN B 33 8.49 6.62 -26.54
CA GLN B 33 7.62 6.65 -25.38
C GLN B 33 6.21 7.16 -25.64
N TRP B 34 5.82 7.43 -26.88
CA TRP B 34 4.50 7.98 -27.08
C TRP B 34 3.71 7.24 -28.14
N VAL B 35 2.43 7.07 -27.84
CA VAL B 35 1.43 6.46 -28.67
C VAL B 35 0.29 7.42 -28.90
N VAL B 36 -0.17 7.41 -30.12
CA VAL B 36 -1.37 8.07 -30.58
C VAL B 36 -2.55 7.08 -30.68
N SER B 37 -3.69 7.54 -30.21
CA SER B 37 -4.89 6.78 -30.27
C SER B 37 -6.10 7.74 -30.34
N ALA B 38 -7.32 7.25 -30.12
CA ALA B 38 -8.52 8.09 -30.14
C ALA B 38 -8.91 8.52 -28.74
N ALA B 39 -9.41 9.74 -28.63
CA ALA B 39 -9.87 10.31 -27.36
C ALA B 39 -10.95 9.48 -26.70
N HIS B 40 -11.79 8.90 -27.53
CA HIS B 40 -12.84 8.11 -26.94
C HIS B 40 -12.44 6.73 -26.47
N CYS B 41 -11.19 6.34 -26.74
CA CYS B 41 -10.61 5.16 -26.11
C CYS B 41 -10.14 5.50 -24.69
N TYR B 42 -10.37 6.71 -24.18
CA TYR B 42 -9.85 7.06 -22.86
C TYR B 42 -10.32 6.10 -21.78
N LYS B 43 -9.40 5.68 -20.93
CA LYS B 43 -9.74 5.06 -19.64
C LYS B 43 -8.67 5.51 -18.64
N THR B 44 -8.91 5.28 -17.35
CA THR B 44 -8.05 5.82 -16.29
C THR B 44 -6.72 5.15 -16.28
N ARG B 45 -6.75 3.81 -16.42
CA ARG B 45 -5.59 2.93 -16.46
C ARG B 45 -5.63 2.18 -17.78
N ILE B 46 -4.49 2.16 -18.46
CA ILE B 46 -4.33 1.47 -19.73
C ILE B 46 -2.94 0.83 -19.85
N GLN B 47 -2.86 -0.38 -20.34
CA GLN B 47 -1.58 -1.05 -20.63
C GLN B 47 -1.39 -1.12 -22.12
N VAL B 48 -0.20 -0.77 -22.57
CA VAL B 48 0.07 -0.79 -24.00
C VAL B 48 0.81 -2.07 -24.34
N ARG B 49 0.35 -2.75 -25.37
CA ARG B 49 1.01 -4.01 -25.74
C ARG B 49 1.60 -3.88 -27.11
N LEU B 50 2.92 -4.01 -27.20
CA LEU B 50 3.59 -3.81 -28.48
C LEU B 50 4.10 -5.10 -28.97
N GLY B 51 4.33 -5.19 -30.25
CA GLY B 51 4.86 -6.44 -30.82
C GLY B 51 3.87 -7.61 -30.84
N GLU B 52 2.60 -7.27 -30.66
CA GLU B 52 1.52 -8.23 -30.69
C GLU B 52 1.17 -8.71 -32.10
N HIS B 53 0.74 -9.92 -32.16
CA HIS B 53 0.09 -10.38 -33.35
C HIS B 53 -1.19 -11.11 -32.98
N ASN B 54 -1.06 -12.12 -32.15
CA ASN B 54 -2.21 -12.84 -31.60
C ASN B 54 -2.40 -12.43 -30.19
N ILE B 55 -3.39 -11.61 -29.94
CA ILE B 55 -3.59 -11.00 -28.63
C ILE B 55 -4.03 -11.98 -27.59
N LYS B 56 -4.40 -13.20 -27.97
CA LYS B 56 -4.74 -14.19 -26.99
C LYS B 56 -3.66 -15.16 -26.67
N VAL B 57 -2.55 -15.19 -27.43
CA VAL B 57 -1.48 -16.14 -27.08
C VAL B 57 -0.14 -15.46 -26.80
N LEU B 58 0.48 -15.80 -25.69
CA LEU B 58 1.79 -15.31 -25.36
C LEU B 58 2.80 -15.89 -26.38
N GLU B 59 3.29 -15.06 -27.29
CA GLU B 59 4.22 -15.51 -28.32
C GLU B 59 5.69 -15.30 -27.92
N GLY B 60 5.93 -14.61 -26.80
CA GLY B 60 7.30 -14.35 -26.31
C GLY B 60 7.91 -12.97 -26.58
N ASN B 61 7.52 -12.31 -27.68
CA ASN B 61 8.12 -11.01 -28.01
C ASN B 61 7.27 -9.74 -27.84
N GLU B 62 6.18 -9.80 -27.11
CA GLU B 62 5.40 -8.63 -26.85
C GLU B 62 6.10 -7.79 -25.80
N GLN B 63 5.79 -6.52 -25.75
CA GLN B 63 6.21 -5.71 -24.63
C GLN B 63 4.95 -5.17 -24.01
N PHE B 64 4.84 -5.32 -22.71
CA PHE B 64 3.68 -4.91 -22.01
C PHE B 64 4.12 -3.69 -21.25
N ILE B 65 3.59 -2.51 -21.53
CA ILE B 65 4.04 -1.32 -20.82
C ILE B 65 2.88 -0.45 -20.40
N ASN B 66 2.79 -0.16 -19.10
CA ASN B 66 1.70 0.73 -18.62
C ASN B 66 1.81 2.18 -19.12
N ALA B 67 0.67 2.81 -19.32
CA ALA B 67 0.63 4.21 -19.72
C ALA B 67 0.94 5.01 -18.48
N ALA B 68 1.82 5.97 -18.56
CA ALA B 68 2.10 6.83 -17.42
C ALA B 68 1.25 8.08 -17.47
N LYS B 69 0.91 8.53 -18.66
CA LYS B 69 0.05 9.68 -18.85
C LYS B 69 -0.88 9.38 -19.98
N ILE B 70 -2.11 9.82 -19.86
CA ILE B 70 -3.07 9.58 -20.87
C ILE B 70 -3.76 10.89 -21.13
N ILE B 71 -3.55 11.46 -22.30
CA ILE B 71 -3.86 12.87 -22.49
C ILE B 71 -4.79 13.02 -23.64
N ARG B 72 -6.05 13.23 -23.35
CA ARG B 72 -6.95 13.60 -24.41
C ARG B 72 -6.74 14.99 -24.95
N HIS B 73 -7.01 15.13 -26.25
CA HIS B 73 -7.06 16.43 -26.87
C HIS B 73 -8.02 17.30 -26.12
N PRO B 74 -7.58 18.51 -25.72
CA PRO B 74 -8.37 19.31 -24.79
C PRO B 74 -9.63 19.86 -25.42
N LYS B 75 -9.65 20.06 -26.73
CA LYS B 75 -10.92 20.31 -27.46
C LYS B 75 -11.72 19.12 -27.97
N TYR B 76 -11.52 17.94 -27.39
CA TYR B 76 -12.35 16.79 -27.76
C TYR B 76 -13.77 17.07 -27.34
N ASN B 77 -14.64 17.04 -28.33
CA ASN B 77 -16.05 17.33 -28.16
C ASN B 77 -16.90 16.06 -28.12
N ARG B 78 -17.44 15.77 -26.96
CA ARG B 78 -18.23 14.56 -26.75
C ARG B 78 -19.52 14.56 -27.57
N ASP B 79 -19.98 15.72 -27.99
CA ASP B 79 -21.25 15.77 -28.69
C ASP B 79 -21.10 15.55 -30.19
N THR B 80 -20.15 16.24 -30.82
CA THR B 80 -19.85 16.14 -32.27
C THR B 80 -18.65 15.21 -32.67
N LEU B 81 -17.80 14.86 -31.72
CA LEU B 81 -16.63 13.98 -31.95
C LEU B 81 -15.43 14.71 -32.60
N ASP B 82 -15.56 15.99 -32.81
CA ASP B 82 -14.42 16.85 -33.16
C ASP B 82 -13.20 16.59 -32.29
N ASN B 83 -12.01 16.61 -32.91
CA ASN B 83 -10.71 16.38 -32.25
C ASN B 83 -10.58 15.06 -31.43
N ASP B 84 -11.07 13.95 -32.02
CA ASP B 84 -11.00 12.62 -31.43
C ASP B 84 -9.57 12.07 -31.59
N ILE B 85 -8.70 12.56 -30.72
CA ILE B 85 -7.34 12.11 -30.72
C ILE B 85 -6.76 12.18 -29.31
N MET B 86 -5.82 11.30 -29.00
CA MET B 86 -5.30 11.14 -27.65
C MET B 86 -3.83 10.72 -27.73
N LEU B 87 -3.04 11.12 -26.77
CA LEU B 87 -1.68 10.71 -26.69
C LEU B 87 -1.52 9.95 -25.39
N ILE B 88 -0.70 8.92 -25.45
CA ILE B 88 -0.38 8.18 -24.28
C ILE B 88 1.11 8.17 -24.19
N LYS B 89 1.61 8.43 -23.01
CA LYS B 89 3.03 8.28 -22.73
C LYS B 89 3.31 6.99 -21.96
N LEU B 90 4.26 6.19 -22.44
CA LEU B 90 4.63 4.95 -21.81
C LEU B 90 5.39 5.18 -20.49
N SER B 91 5.20 4.35 -19.47
CA SER B 91 5.96 4.55 -18.19
C SER B 91 7.43 4.21 -18.35
N SER B 92 7.75 3.51 -19.41
CA SER B 92 9.13 3.37 -19.77
C SER B 92 9.29 3.08 -21.28
N PRO B 93 10.44 3.39 -21.82
CA PRO B 93 10.49 3.44 -23.27
C PRO B 93 10.37 2.10 -23.87
N ALA B 94 9.73 2.04 -25.02
CA ALA B 94 9.69 0.81 -25.79
C ALA B 94 11.07 0.47 -26.32
N VAL B 95 11.39 -0.82 -26.36
CA VAL B 95 12.61 -1.28 -27.01
C VAL B 95 12.34 -1.45 -28.47
N ILE B 96 13.00 -0.65 -29.30
CA ILE B 96 12.81 -0.64 -30.75
C ILE B 96 13.57 -1.81 -31.35
N ASN B 97 12.95 -2.52 -32.28
CA ASN B 97 13.57 -3.67 -32.89
C ASN B 97 12.77 -4.07 -34.11
N ALA B 98 12.99 -5.24 -34.64
CA ALA B 98 12.31 -5.60 -35.89
C ALA B 98 10.76 -5.71 -35.75
N ARG B 99 10.29 -6.00 -34.53
CA ARG B 99 8.87 -6.16 -34.27
C ARG B 99 8.16 -4.94 -33.69
N VAL B 100 8.94 -3.99 -33.18
CA VAL B 100 8.39 -2.84 -32.52
C VAL B 100 9.15 -1.62 -32.99
N SER B 101 8.51 -0.76 -33.77
CA SER B 101 9.09 0.47 -34.25
C SER B 101 8.01 1.55 -34.57
N THR B 102 8.46 2.78 -34.81
CA THR B 102 7.60 3.95 -34.90
C THR B 102 7.09 4.19 -36.29
N ILE B 103 5.96 4.89 -36.39
CA ILE B 103 5.41 5.28 -37.69
C ILE B 103 5.58 6.78 -37.78
N SER B 104 5.99 7.27 -38.94
CA SER B 104 6.26 8.69 -39.06
C SER B 104 4.93 9.43 -39.06
N LEU B 105 4.89 10.57 -38.36
CA LEU B 105 3.89 11.56 -38.54
C LEU B 105 3.87 12.09 -39.94
N PRO B 106 2.71 12.63 -40.39
CA PRO B 106 2.58 13.01 -41.82
C PRO B 106 3.06 14.44 -42.12
N THR B 107 3.41 14.69 -43.38
CA THR B 107 3.89 16.03 -43.79
C THR B 107 2.85 16.84 -44.55
N ALA B 108 1.79 16.19 -45.01
CA ALA B 108 0.69 16.86 -45.71
C ALA B 108 -0.60 16.05 -45.48
N PRO B 109 -1.78 16.67 -45.59
CA PRO B 109 -2.92 15.74 -45.57
C PRO B 109 -2.85 14.81 -46.76
N PRO B 110 -3.68 13.79 -46.74
CA PRO B 110 -3.54 12.86 -47.86
C PRO B 110 -4.53 13.16 -48.96
N ALA B 111 -4.13 12.88 -50.16
CA ALA B 111 -4.98 13.14 -51.30
C ALA B 111 -6.08 12.10 -51.45
N ALA B 112 -7.23 12.55 -51.93
CA ALA B 112 -8.30 11.64 -52.32
C ALA B 112 -7.73 10.66 -53.35
N GLY B 113 -8.04 9.37 -53.21
CA GLY B 113 -7.55 8.31 -54.09
C GLY B 113 -6.38 7.52 -53.48
N THR B 114 -5.58 8.14 -52.61
CA THR B 114 -4.43 7.46 -52.01
C THR B 114 -4.79 6.11 -51.33
N GLU B 115 -4.12 5.00 -51.69
CA GLU B 115 -4.39 3.67 -51.13
C GLU B 115 -3.69 3.66 -49.77
N CYS B 116 -4.43 3.19 -48.76
CA CYS B 116 -3.98 3.24 -47.35
C CYS B 116 -4.13 1.89 -46.68
N LEU B 117 -3.51 1.75 -45.53
CA LEU B 117 -3.52 0.49 -44.86
C LEU B 117 -4.08 0.73 -43.49
N ILE B 118 -5.19 0.04 -43.22
CA ILE B 118 -5.89 0.19 -41.93
C ILE B 118 -5.81 -1.13 -41.22
N SER B 119 -5.60 -1.10 -39.93
CA SER B 119 -5.40 -2.39 -39.22
C SER B 119 -5.96 -2.44 -37.78
N GLY B 120 -6.19 -3.64 -37.28
CA GLY B 120 -6.47 -3.82 -35.88
C GLY B 120 -7.16 -5.15 -35.61
N TRP B 121 -7.57 -5.36 -34.34
CA TRP B 121 -8.25 -6.53 -33.87
C TRP B 121 -9.74 -6.38 -33.68
N GLY B 122 -10.35 -5.48 -34.42
CA GLY B 122 -11.78 -5.32 -34.30
C GLY B 122 -12.62 -6.40 -34.97
N ASN B 123 -13.91 -6.18 -34.97
CA ASN B 123 -14.89 -7.14 -35.42
C ASN B 123 -14.73 -7.31 -36.91
N THR B 124 -14.91 -8.55 -37.37
CA THR B 124 -14.86 -8.89 -38.75
C THR B 124 -16.23 -9.10 -39.41
N LEU B 125 -17.31 -8.87 -38.67
CA LEU B 125 -18.67 -8.96 -39.30
C LEU B 125 -19.42 -7.62 -39.31
N SER B 126 -20.12 -7.41 -40.40
CA SER B 126 -21.02 -6.30 -40.61
C SER B 126 -22.38 -6.50 -39.80
N PHE B 127 -22.67 -7.76 -39.49
CA PHE B 127 -23.86 -8.21 -38.79
C PHE B 127 -23.47 -9.32 -37.83
N GLY B 128 -23.63 -9.12 -36.55
CA GLY B 128 -23.16 -10.17 -35.63
C GLY B 128 -21.75 -9.83 -35.15
N ALA B 129 -21.16 -10.70 -34.38
CA ALA B 129 -19.88 -10.46 -33.83
C ALA B 129 -18.94 -11.64 -34.03
N ASP B 130 -17.73 -11.34 -34.53
CA ASP B 130 -16.63 -12.29 -34.59
C ASP B 130 -15.32 -11.52 -34.52
N TYR B 131 -14.80 -11.51 -33.30
CA TYR B 131 -13.60 -10.83 -32.92
C TYR B 131 -12.37 -11.73 -33.09
N PRO B 132 -11.42 -11.30 -33.87
CA PRO B 132 -10.32 -12.17 -34.27
C PRO B 132 -9.19 -12.17 -33.23
N ASP B 133 -8.50 -13.29 -33.11
CA ASP B 133 -7.24 -13.43 -32.36
C ASP B 133 -5.98 -12.70 -33.01
N GLU B 134 -5.89 -12.74 -34.33
CA GLU B 134 -4.74 -12.18 -35.03
C GLU B 134 -5.05 -10.87 -35.75
N LEU B 135 -4.07 -9.96 -35.69
CA LEU B 135 -4.17 -8.71 -36.36
C LEU B 135 -4.61 -8.76 -37.80
N LYS B 136 -5.58 -7.89 -38.14
CA LYS B 136 -6.17 -7.77 -39.46
C LYS B 136 -5.80 -6.45 -40.10
N CYS B 137 -5.83 -6.45 -41.42
CA CYS B 137 -5.33 -5.39 -42.26
C CYS B 137 -6.33 -5.20 -43.36
N LEU B 138 -6.34 -4.01 -43.92
CA LEU B 138 -7.22 -3.74 -45.03
C LEU B 138 -6.65 -2.63 -45.83
N ASP B 139 -6.66 -2.84 -47.15
CA ASP B 139 -6.24 -1.77 -48.12
C ASP B 139 -7.48 -1.03 -48.55
N ALA B 140 -7.45 0.28 -48.33
CA ALA B 140 -8.58 1.12 -48.65
C ALA B 140 -8.18 2.54 -48.99
N PRO B 141 -8.88 3.18 -49.96
CA PRO B 141 -8.59 4.53 -50.38
C PRO B 141 -9.24 5.59 -49.60
N VAL B 142 -8.62 6.77 -49.62
CA VAL B 142 -9.16 7.96 -49.07
C VAL B 142 -10.23 8.44 -50.02
N LEU B 143 -11.37 8.84 -49.45
CA LEU B 143 -12.49 9.36 -50.21
C LEU B 143 -12.44 10.89 -50.24
N THR B 144 -13.17 11.48 -51.18
CA THR B 144 -13.23 12.96 -51.24
C THR B 144 -14.00 13.53 -50.08
N GLN B 145 -13.67 14.74 -49.66
CA GLN B 145 -14.54 15.46 -48.71
C GLN B 145 -15.99 15.42 -49.12
N ALA B 146 -16.29 15.53 -50.41
CA ALA B 146 -17.70 15.59 -50.81
C ALA B 146 -18.41 14.28 -50.53
N GLU B 147 -17.83 13.16 -50.97
CA GLU B 147 -18.39 11.83 -50.71
C GLU B 147 -18.54 11.59 -49.20
N CYS B 148 -17.66 12.18 -48.40
CA CYS B 148 -17.63 11.90 -46.99
C CYS B 148 -18.80 12.64 -46.31
N LYS B 149 -18.87 13.95 -46.50
CA LYS B 149 -20.06 14.74 -46.15
C LYS B 149 -21.43 14.19 -46.59
N ALA B 150 -21.55 13.81 -47.85
CA ALA B 150 -22.77 13.22 -48.35
C ALA B 150 -23.13 11.93 -47.67
N SER B 151 -22.14 11.21 -47.14
CA SER B 151 -22.44 9.97 -46.44
C SER B 151 -22.98 10.27 -45.04
N TYR B 152 -22.52 11.36 -44.47
CA TYR B 152 -22.81 11.76 -43.08
C TYR B 152 -23.22 13.25 -42.97
N PRO B 153 -24.32 13.61 -43.66
CA PRO B 153 -24.69 15.01 -43.84
C PRO B 153 -24.71 15.68 -42.50
N GLY B 154 -24.05 16.82 -42.42
CA GLY B 154 -24.03 17.57 -41.20
C GLY B 154 -23.08 17.12 -40.12
N LYS B 155 -22.41 15.98 -40.25
CA LYS B 155 -21.58 15.47 -39.11
C LYS B 155 -20.07 15.51 -39.24
N ILE B 156 -19.58 15.70 -40.46
CA ILE B 156 -18.20 15.70 -40.74
C ILE B 156 -17.58 17.04 -40.36
N THR B 157 -16.88 17.09 -39.23
CA THR B 157 -16.15 18.28 -38.89
C THR B 157 -14.81 18.35 -39.65
N ASN B 158 -14.07 19.38 -39.32
CA ASN B 158 -12.74 19.61 -39.86
C ASN B 158 -11.65 18.65 -39.40
N SER B 159 -11.87 17.96 -38.28
CA SER B 159 -10.95 17.00 -37.84
C SER B 159 -11.17 15.65 -38.52
N MET B 160 -12.04 15.52 -39.52
CA MET B 160 -12.45 14.17 -39.92
C MET B 160 -12.33 13.97 -41.37
N PHE B 161 -12.03 12.73 -41.79
CA PHE B 161 -12.08 12.36 -43.20
C PHE B 161 -12.52 10.93 -43.31
N CYS B 162 -12.94 10.51 -44.49
CA CYS B 162 -13.43 9.16 -44.71
C CYS B 162 -12.50 8.33 -45.56
N VAL B 163 -12.47 7.04 -45.25
CA VAL B 163 -11.60 6.13 -45.95
C VAL B 163 -12.35 4.84 -46.08
N GLY B 164 -12.47 4.34 -47.30
CA GLY B 164 -13.15 3.09 -47.51
C GLY B 164 -13.73 2.92 -48.89
N PHE B 165 -14.89 2.29 -48.92
CA PHE B 165 -15.56 1.82 -50.11
C PHE B 165 -17.04 2.13 -49.94
N LEU B 166 -17.59 2.97 -50.81
CA LEU B 166 -19.00 3.31 -50.72
C LEU B 166 -19.89 2.11 -51.01
N GLU B 167 -19.44 1.13 -51.78
CA GLU B 167 -20.26 -0.04 -51.96
C GLU B 167 -20.40 -0.87 -50.65
N GLY B 168 -19.69 -0.47 -49.62
CA GLY B 168 -19.65 -1.28 -48.37
C GLY B 168 -18.82 -2.53 -48.46
N GLY B 169 -18.78 -3.33 -47.40
CA GLY B 169 -18.09 -4.64 -47.43
C GLY B 169 -16.69 -4.66 -46.78
N LYS B 170 -16.10 -3.49 -46.60
CA LYS B 170 -14.76 -3.32 -46.09
C LYS B 170 -14.65 -2.05 -45.31
N ASP B 171 -14.23 -2.14 -44.05
CA ASP B 171 -14.20 -0.97 -43.17
C ASP B 171 -13.55 -1.47 -41.92
N SER B 172 -13.16 -0.54 -41.06
CA SER B 172 -12.87 -0.85 -39.66
C SER B 172 -14.17 -0.90 -38.85
N CYS B 173 -14.04 -1.17 -37.55
CA CYS B 173 -15.14 -1.64 -36.78
C CYS B 173 -14.86 -1.61 -35.27
N GLN B 174 -15.85 -2.01 -34.48
CA GLN B 174 -15.68 -1.90 -33.05
C GLN B 174 -14.45 -2.70 -32.65
N ARG B 175 -13.69 -2.09 -31.75
CA ARG B 175 -12.40 -2.52 -31.29
C ARG B 175 -11.23 -2.15 -32.13
N ASP B 176 -11.44 -1.53 -33.28
CA ASP B 176 -10.34 -1.00 -34.09
C ASP B 176 -10.06 0.45 -33.68
N ALA B 177 -10.96 1.10 -32.96
CA ALA B 177 -10.77 2.51 -32.66
C ALA B 177 -9.42 2.82 -32.07
N GLY B 178 -8.91 3.98 -32.42
CA GLY B 178 -7.59 4.33 -32.00
C GLY B 178 -6.51 3.84 -32.93
N GLY B 179 -6.77 2.83 -33.73
CA GLY B 179 -5.73 2.28 -34.57
C GLY B 179 -5.39 3.16 -35.76
N PRO B 180 -4.41 2.71 -36.56
CA PRO B 180 -3.81 3.57 -37.54
C PRO B 180 -4.35 3.40 -38.97
N VAL B 181 -4.35 4.50 -39.72
CA VAL B 181 -4.45 4.51 -41.20
C VAL B 181 -3.10 5.05 -41.66
N VAL B 182 -2.34 4.20 -42.34
CA VAL B 182 -1.04 4.56 -42.88
C VAL B 182 -1.13 4.66 -44.39
N CYS B 183 -0.64 5.78 -44.90
CA CYS B 183 -0.58 6.03 -46.35
C CYS B 183 0.85 6.46 -46.64
N ASN B 184 1.48 5.76 -47.58
CA ASN B 184 2.82 6.09 -48.05
C ASN B 184 3.74 6.44 -46.90
N GLY B 185 3.87 5.50 -46.00
CA GLY B 185 4.83 5.54 -44.92
C GLY B 185 4.52 6.48 -43.81
N GLN B 186 3.34 7.09 -43.87
CA GLN B 186 2.93 8.02 -42.80
C GLN B 186 1.58 7.70 -42.14
N LEU B 187 1.48 8.08 -40.87
CA LEU B 187 0.26 7.97 -40.09
C LEU B 187 -0.67 9.12 -40.41
N GLN B 188 -1.63 8.86 -41.27
CA GLN B 188 -2.54 9.87 -41.73
C GLN B 188 -3.85 9.94 -40.92
N GLY B 189 -4.26 8.83 -40.31
CA GLY B 189 -5.53 8.75 -39.67
C GLY B 189 -5.61 7.92 -38.44
N VAL B 190 -6.60 8.20 -37.60
CA VAL B 190 -6.95 7.39 -36.46
C VAL B 190 -8.40 6.90 -36.54
N VAL B 191 -8.63 5.62 -36.25
CA VAL B 191 -9.93 5.01 -36.42
C VAL B 191 -10.86 5.66 -35.40
N SER B 192 -12.03 6.11 -35.85
CA SER B 192 -12.92 6.90 -34.97
C SER B 192 -14.31 6.34 -34.90
N TRP B 193 -15.13 6.54 -35.95
CA TRP B 193 -16.54 6.13 -35.91
C TRP B 193 -17.16 5.85 -37.25
N GLY B 194 -18.35 5.26 -37.24
CA GLY B 194 -19.23 5.25 -38.40
C GLY B 194 -20.58 4.69 -38.05
N HIS B 195 -21.50 4.67 -39.03
CA HIS B 195 -22.78 4.01 -38.83
C HIS B 195 -22.65 2.59 -39.24
N GLY B 196 -22.67 1.72 -38.27
CA GLY B 196 -22.43 0.32 -38.52
C GLY B 196 -20.97 0.21 -38.89
N CYS B 197 -20.66 -0.92 -39.56
CA CYS B 197 -19.32 -1.20 -40.11
C CYS B 197 -19.54 -1.84 -41.42
N ALA B 198 -18.96 -1.25 -42.44
CA ALA B 198 -18.94 -1.82 -43.77
C ALA B 198 -20.33 -1.83 -44.36
N TRP B 199 -21.17 -0.91 -43.91
CA TRP B 199 -22.43 -0.78 -44.59
C TRP B 199 -22.28 0.15 -45.78
N LYS B 200 -23.07 -0.17 -46.79
CA LYS B 200 -23.07 0.60 -47.97
C LYS B 200 -23.41 2.05 -47.68
N ASN B 201 -22.72 2.94 -48.35
CA ASN B 201 -22.75 4.37 -48.08
C ASN B 201 -22.34 4.89 -46.76
N ARG B 202 -21.72 4.06 -45.94
CA ARG B 202 -21.33 4.46 -44.62
C ARG B 202 -19.88 4.12 -44.38
N PRO B 203 -19.00 4.80 -45.08
CA PRO B 203 -17.59 4.57 -44.84
C PRO B 203 -17.17 4.95 -43.41
N GLY B 204 -16.08 4.36 -42.94
CA GLY B 204 -15.45 4.77 -41.71
C GLY B 204 -14.99 6.21 -41.75
N VAL B 205 -15.01 6.84 -40.60
CA VAL B 205 -14.63 8.18 -40.45
C VAL B 205 -13.46 8.17 -39.51
N TYR B 206 -12.46 9.03 -39.74
CA TYR B 206 -11.14 8.85 -39.21
C TYR B 206 -10.69 10.24 -38.82
N THR B 207 -9.93 10.38 -37.73
CA THR B 207 -9.39 11.66 -37.34
C THR B 207 -8.20 11.97 -38.22
N LYS B 208 -8.09 13.23 -38.67
CA LYS B 208 -6.98 13.76 -39.53
C LYS B 208 -5.75 14.03 -38.71
N VAL B 209 -4.77 13.15 -38.81
CA VAL B 209 -3.62 13.24 -37.94
C VAL B 209 -2.79 14.46 -38.28
N TYR B 210 -2.73 14.82 -39.57
CA TYR B 210 -1.95 15.99 -40.03
C TYR B 210 -2.28 17.25 -39.26
N ASN B 211 -3.56 17.43 -38.93
CA ASN B 211 -3.96 18.62 -38.20
C ASN B 211 -3.41 18.71 -36.82
N TYR B 212 -2.91 17.60 -36.26
CA TYR B 212 -2.48 17.63 -34.83
C TYR B 212 -0.98 17.57 -34.62
N VAL B 213 -0.23 17.59 -35.74
CA VAL B 213 1.24 17.48 -35.74
C VAL B 213 1.88 18.45 -34.75
N ASP B 214 1.45 19.71 -34.72
CA ASP B 214 2.02 20.66 -33.74
C ASP B 214 1.63 20.35 -32.31
N TRP B 215 0.35 20.04 -32.08
CA TRP B 215 -0.13 19.69 -30.73
C TRP B 215 0.63 18.47 -30.15
N ILE B 216 0.89 17.50 -31.03
CA ILE B 216 1.64 16.35 -30.63
C ILE B 216 3.05 16.74 -30.23
N LYS B 217 3.80 17.34 -31.14
CA LYS B 217 5.12 17.95 -30.78
C LYS B 217 5.15 18.68 -29.45
N ASP B 218 4.13 19.49 -29.20
CA ASP B 218 4.16 20.38 -28.04
C ASP B 218 3.92 19.59 -26.80
N THR B 219 2.92 18.72 -26.89
CA THR B 219 2.53 17.89 -25.78
C THR B 219 3.72 16.99 -25.37
N ILE B 220 4.44 16.43 -26.37
CA ILE B 220 5.65 15.67 -26.09
C ILE B 220 6.67 16.58 -25.40
N ALA B 221 6.94 17.76 -25.92
CA ALA B 221 7.88 18.66 -25.20
C ALA B 221 7.43 19.03 -23.80
N ALA B 222 6.13 19.28 -23.58
CA ALA B 222 5.64 19.76 -22.28
C ALA B 222 5.66 18.66 -21.21
N ASN B 223 5.81 17.41 -21.67
CA ASN B 223 5.80 16.25 -20.79
C ASN B 223 7.08 15.40 -20.75
N SER B 224 8.22 15.98 -21.10
CA SER B 224 9.52 15.28 -20.95
C SER B 224 10.12 15.43 -19.55
N ILE C 1 -10.65 -22.96 -6.37
CA ILE C 1 -10.87 -23.18 -4.90
C ILE C 1 -12.37 -23.31 -4.72
N VAL C 2 -12.80 -24.43 -4.11
CA VAL C 2 -14.21 -24.68 -3.88
C VAL C 2 -14.47 -24.50 -2.40
N GLY C 3 -15.50 -23.74 -2.09
CA GLY C 3 -15.92 -23.51 -0.71
C GLY C 3 -15.03 -22.59 0.13
N GLY C 4 -14.26 -21.71 -0.52
CA GLY C 4 -13.42 -20.74 0.16
C GLY C 4 -13.98 -19.34 0.08
N TYR C 5 -13.13 -18.34 0.15
CA TYR C 5 -13.61 -16.94 0.19
C TYR C 5 -12.60 -16.14 -0.60
N THR C 6 -13.04 -15.00 -1.11
CA THR C 6 -12.18 -14.08 -1.77
C THR C 6 -11.16 -13.51 -0.76
N CYS C 7 -9.86 -13.65 -1.03
CA CYS C 7 -8.81 -13.08 -0.23
C CYS C 7 -8.96 -11.57 -0.17
N GLU C 8 -8.44 -10.95 0.89
CA GLU C 8 -8.33 -9.47 0.92
C GLU C 8 -7.29 -9.14 -0.11
N GLU C 9 -7.54 -8.11 -0.87
CA GLU C 9 -6.63 -7.68 -1.93
C GLU C 9 -5.18 -7.62 -1.46
N ASN C 10 -4.33 -8.41 -2.10
CA ASN C 10 -2.89 -8.32 -1.97
C ASN C 10 -2.39 -8.79 -0.67
N SER C 11 -3.20 -9.53 0.07
CA SER C 11 -2.79 -10.08 1.33
C SER C 11 -1.99 -11.41 1.21
N LEU C 12 -1.98 -12.02 0.04
CA LEU C 12 -1.07 -13.12 -0.24
C LEU C 12 -0.10 -12.64 -1.32
N PRO C 13 0.85 -11.80 -0.94
CA PRO C 13 1.73 -11.20 -1.95
C PRO C 13 2.70 -12.14 -2.62
N TYR C 14 2.74 -13.37 -2.15
CA TYR C 14 3.58 -14.44 -2.72
C TYR C 14 2.83 -15.23 -3.84
N GLN C 15 1.50 -15.09 -3.91
CA GLN C 15 0.70 -15.80 -4.93
C GLN C 15 0.96 -15.22 -6.33
N VAL C 16 1.35 -16.04 -7.29
CA VAL C 16 1.41 -15.55 -8.67
C VAL C 16 0.43 -16.31 -9.57
N SER C 17 0.15 -15.72 -10.70
CA SER C 17 -0.61 -16.34 -11.75
C SER C 17 0.30 -16.62 -12.91
N LEU C 18 0.23 -17.82 -13.44
CA LEU C 18 1.00 -18.13 -14.62
C LEU C 18 0.08 -17.99 -15.85
N ASN C 19 0.54 -17.32 -16.87
CA ASN C 19 -0.31 -16.90 -17.96
C ASN C 19 0.36 -17.24 -19.28
N SER C 20 -0.43 -17.70 -20.25
CA SER C 20 0.14 -18.05 -21.59
C SER C 20 -0.70 -17.42 -22.64
N GLY C 21 -1.36 -16.36 -22.21
CA GLY C 21 -2.49 -15.78 -22.94
C GLY C 21 -3.69 -15.63 -21.97
N SER C 22 -3.93 -16.65 -21.14
CA SER C 22 -4.94 -16.64 -20.11
C SER C 22 -4.27 -17.28 -18.95
N HIS C 23 -4.92 -17.20 -17.82
CA HIS C 23 -4.43 -17.78 -16.61
C HIS C 23 -4.55 -19.30 -16.71
N PHE C 24 -3.55 -20.06 -16.36
CA PHE C 24 -3.70 -21.53 -16.43
C PHE C 24 -3.18 -22.31 -15.25
N CYS C 25 -2.35 -21.68 -14.45
CA CYS C 25 -1.89 -22.26 -13.19
C CYS C 25 -1.52 -21.16 -12.18
N GLY C 26 -1.23 -21.61 -10.99
CA GLY C 26 -0.66 -20.81 -9.90
C GLY C 26 0.83 -21.02 -9.70
N GLY C 27 1.40 -20.27 -8.76
CA GLY C 27 2.77 -20.40 -8.35
C GLY C 27 3.01 -19.56 -7.09
N SER C 28 4.21 -19.68 -6.55
CA SER C 28 4.59 -19.03 -5.28
C SER C 28 5.93 -18.38 -5.49
N LEU C 29 6.04 -17.10 -5.15
CA LEU C 29 7.34 -16.41 -5.26
C LEU C 29 8.25 -16.78 -4.08
N ILE C 30 9.41 -17.39 -4.33
CA ILE C 30 10.26 -17.79 -3.20
C ILE C 30 11.57 -17.02 -3.02
N SER C 31 12.00 -16.43 -4.12
CA SER C 31 13.02 -15.40 -4.07
C SER C 31 12.66 -14.43 -5.19
N GLU C 32 13.46 -13.38 -5.33
CA GLU C 32 13.20 -12.27 -6.23
C GLU C 32 13.16 -12.74 -7.64
N GLN C 33 13.91 -13.77 -7.96
CA GLN C 33 13.83 -14.26 -9.34
C GLN C 33 13.25 -15.63 -9.49
N TRP C 34 12.78 -16.28 -8.43
CA TRP C 34 12.36 -17.66 -8.60
C TRP C 34 10.96 -17.91 -8.08
N VAL C 35 10.23 -18.72 -8.85
CA VAL C 35 8.89 -19.17 -8.56
C VAL C 35 8.84 -20.67 -8.56
N VAL C 36 8.13 -21.21 -7.60
CA VAL C 36 7.76 -22.60 -7.53
C VAL C 36 6.32 -22.85 -7.98
N SER C 37 6.16 -23.93 -8.72
CA SER C 37 4.87 -24.30 -9.23
C SER C 37 4.89 -25.85 -9.41
N ALA C 38 3.93 -26.39 -10.16
CA ALA C 38 3.86 -27.83 -10.38
C ALA C 38 4.43 -28.17 -11.75
N ALA C 39 5.06 -29.34 -11.84
CA ALA C 39 5.65 -29.82 -13.07
C ALA C 39 4.63 -29.96 -14.18
N HIS C 40 3.44 -30.37 -13.84
CA HIS C 40 2.45 -30.52 -14.91
C HIS C 40 1.82 -29.24 -15.41
N CYS C 41 2.20 -28.10 -14.82
CA CYS C 41 1.88 -26.79 -15.35
C CYS C 41 2.89 -26.40 -16.42
N TYR C 42 3.82 -27.28 -16.77
CA TYR C 42 4.84 -26.93 -17.77
C TYR C 42 4.27 -26.46 -19.11
N LYS C 43 4.81 -25.37 -19.64
CA LYS C 43 4.61 -24.96 -21.04
C LYS C 43 5.89 -24.30 -21.44
N THR C 44 6.09 -24.12 -22.74
CA THR C 44 7.39 -23.68 -23.26
C THR C 44 7.60 -22.25 -22.97
N ARG C 45 6.52 -21.47 -23.10
CA ARG C 45 6.47 -20.05 -22.78
C ARG C 45 5.45 -19.82 -21.68
N ILE C 46 5.88 -19.09 -20.68
CA ILE C 46 5.03 -18.69 -19.57
C ILE C 46 5.32 -17.26 -19.10
N GLN C 47 4.29 -16.48 -18.85
CA GLN C 47 4.45 -15.15 -18.23
C GLN C 47 4.02 -15.22 -16.79
N VAL C 48 4.79 -14.63 -15.90
CA VAL C 48 4.41 -14.66 -14.50
C VAL C 48 3.77 -13.35 -14.16
N ARG C 49 2.64 -13.39 -13.49
CA ARG C 49 1.98 -12.16 -13.10
C ARG C 49 1.95 -12.03 -11.61
N LEU C 50 2.58 -10.98 -11.09
CA LEU C 50 2.67 -10.83 -9.68
C LEU C 50 1.84 -9.67 -9.28
N GLY C 51 1.43 -9.67 -8.02
CA GLY C 51 0.66 -8.53 -7.50
C GLY C 51 -0.80 -8.52 -7.95
N GLU C 52 -1.24 -9.67 -8.46
CA GLU C 52 -2.56 -9.82 -9.00
C GLU C 52 -3.60 -10.00 -7.94
N HIS C 53 -4.78 -9.54 -8.25
CA HIS C 53 -5.90 -9.90 -7.46
C HIS C 53 -7.05 -10.34 -8.36
N ASN C 54 -7.44 -9.44 -9.24
CA ASN C 54 -8.45 -9.69 -10.25
C ASN C 54 -7.74 -9.88 -11.56
N ILE C 55 -7.62 -11.12 -12.00
CA ILE C 55 -6.83 -11.41 -13.18
C ILE C 55 -7.42 -10.90 -14.48
N LYS C 56 -8.66 -10.46 -14.46
CA LYS C 56 -9.27 -9.92 -15.63
C LYS C 56 -9.26 -8.42 -15.72
N VAL C 57 -8.91 -7.72 -14.65
CA VAL C 57 -8.84 -6.25 -14.72
C VAL C 57 -7.47 -5.67 -14.39
N LEU C 58 -7.01 -4.76 -15.21
CA LEU C 58 -5.76 -4.07 -14.98
C LEU C 58 -5.98 -3.13 -13.80
N GLU C 59 -5.38 -3.44 -12.65
CA GLU C 59 -5.51 -2.63 -11.42
C GLU C 59 -4.32 -1.66 -11.25
N GLY C 60 -3.28 -1.84 -12.05
CA GLY C 60 -2.16 -0.88 -12.13
C GLY C 60 -0.86 -1.27 -11.42
N ASN C 61 -0.94 -2.19 -10.45
CA ASN C 61 0.25 -2.62 -9.69
C ASN C 61 0.74 -4.07 -9.94
N GLU C 62 0.23 -4.72 -10.98
CA GLU C 62 0.71 -6.02 -11.29
C GLU C 62 2.10 -5.87 -11.90
N GLN C 63 2.92 -6.87 -11.73
CA GLN C 63 4.14 -6.95 -12.53
C GLN C 63 4.01 -8.13 -13.45
N PHE C 64 4.33 -7.93 -14.71
CA PHE C 64 4.21 -8.95 -15.68
C PHE C 64 5.63 -9.31 -16.07
N ILE C 65 6.07 -10.53 -15.85
CA ILE C 65 7.46 -10.86 -16.14
C ILE C 65 7.58 -12.22 -16.78
N ASN C 66 8.18 -12.28 -17.98
CA ASN C 66 8.40 -13.58 -18.62
C ASN C 66 9.37 -14.50 -17.88
N ALA C 67 9.02 -15.77 -17.80
CA ALA C 67 9.94 -16.82 -17.33
C ALA C 67 11.12 -16.92 -18.26
N ALA C 68 12.34 -16.88 -17.75
CA ALA C 68 13.52 -17.08 -18.57
C ALA C 68 13.92 -18.54 -18.61
N LYS C 69 13.61 -19.29 -17.56
CA LYS C 69 13.94 -20.69 -17.49
C LYS C 69 12.79 -21.38 -16.87
N ILE C 70 12.48 -22.56 -17.35
CA ILE C 70 11.37 -23.29 -16.82
C ILE C 70 11.83 -24.70 -16.59
N ILE C 71 11.97 -25.09 -15.34
CA ILE C 71 12.72 -26.29 -15.02
C ILE C 71 11.89 -27.26 -14.25
N ARG C 72 11.40 -28.26 -14.92
CA ARG C 72 10.77 -29.34 -14.20
C ARG C 72 11.74 -30.19 -13.41
N HIS C 73 11.23 -30.71 -12.30
CA HIS C 73 11.95 -31.72 -11.56
C HIS C 73 12.39 -32.87 -12.47
N PRO C 74 13.68 -33.24 -12.42
CA PRO C 74 14.16 -34.15 -13.43
C PRO C 74 13.60 -35.54 -13.24
N LYS C 75 13.22 -35.88 -12.02
CA LYS C 75 12.46 -37.13 -11.74
C LYS C 75 10.92 -37.04 -11.67
N TYR C 76 10.34 -36.06 -12.34
CA TYR C 76 8.89 -36.01 -12.45
C TYR C 76 8.42 -37.15 -13.32
N ASN C 77 7.54 -37.93 -12.74
CA ASN C 77 7.00 -39.10 -13.36
C ASN C 77 5.58 -38.89 -13.92
N ARG C 78 5.47 -38.88 -15.24
CA ARG C 78 4.20 -38.66 -15.92
C ARG C 78 3.17 -39.70 -15.56
N ASP C 79 3.57 -40.86 -15.06
CA ASP C 79 2.61 -41.95 -14.89
C ASP C 79 2.02 -41.96 -13.52
N THR C 80 2.89 -41.88 -12.51
CA THR C 80 2.51 -41.79 -11.08
C THR C 80 2.32 -40.36 -10.47
N LEU C 81 2.89 -39.34 -11.11
CA LEU C 81 2.85 -37.95 -10.62
C LEU C 81 3.82 -37.67 -9.48
N ASP C 82 4.63 -38.65 -9.14
CA ASP C 82 5.78 -38.46 -8.25
C ASP C 82 6.60 -37.25 -8.67
N ASN C 83 7.04 -36.47 -7.68
CA ASN C 83 7.86 -35.28 -7.89
C ASN C 83 7.25 -34.17 -8.78
N ASP C 84 5.95 -33.93 -8.63
CA ASP C 84 5.26 -32.87 -9.38
C ASP C 84 5.65 -31.50 -8.82
N ILE C 85 6.84 -31.03 -9.20
CA ILE C 85 7.29 -29.71 -8.80
C ILE C 85 8.16 -29.10 -9.88
N MET C 86 8.20 -27.77 -9.95
CA MET C 86 8.84 -27.07 -11.05
C MET C 86 9.29 -25.72 -10.53
N LEU C 87 10.35 -25.20 -11.10
CA LEU C 87 10.86 -23.92 -10.71
C LEU C 87 10.92 -23.06 -11.96
N ILE C 88 10.62 -21.78 -11.81
CA ILE C 88 10.68 -20.88 -12.91
C ILE C 88 11.56 -19.75 -12.49
N LYS C 89 12.44 -19.34 -13.38
CA LYS C 89 13.25 -18.19 -13.12
C LYS C 89 12.78 -17.04 -13.97
N LEU C 90 12.60 -15.88 -13.36
CA LEU C 90 12.05 -14.72 -14.03
C LEU C 90 13.14 -14.08 -14.92
N SER C 91 12.78 -13.44 -16.04
CA SER C 91 13.81 -12.85 -16.92
C SER C 91 14.37 -11.59 -16.34
N SER C 92 13.69 -11.06 -15.35
CA SER C 92 14.22 -10.00 -14.56
C SER C 92 13.53 -9.99 -13.20
N PRO C 93 14.19 -9.44 -12.20
CA PRO C 93 13.73 -9.70 -10.85
C PRO C 93 12.47 -8.98 -10.51
N ALA C 94 11.64 -9.64 -9.74
CA ALA C 94 10.46 -9.00 -9.22
C ALA C 94 10.86 -7.84 -8.33
N VAL C 95 10.07 -6.76 -8.32
CA VAL C 95 10.27 -5.64 -7.41
C VAL C 95 9.45 -5.97 -6.19
N ILE C 96 10.11 -6.02 -5.03
CA ILE C 96 9.50 -6.43 -3.75
C ILE C 96 8.84 -5.19 -3.10
N ASN C 97 7.68 -5.36 -2.49
CA ASN C 97 6.89 -4.24 -2.00
C ASN C 97 5.72 -4.80 -1.25
N ALA C 98 4.83 -3.95 -0.81
CA ALA C 98 3.72 -4.40 0.02
C ALA C 98 2.82 -5.50 -0.64
N ARG C 99 2.80 -5.51 -1.98
CA ARG C 99 1.93 -6.40 -2.77
C ARG C 99 2.64 -7.59 -3.40
N VAL C 100 3.96 -7.56 -3.46
CA VAL C 100 4.71 -8.62 -4.07
C VAL C 100 5.87 -8.91 -3.15
N SER C 101 5.86 -10.06 -2.48
CA SER C 101 6.98 -10.52 -1.68
C SER C 101 7.05 -12.06 -1.62
N THR C 102 8.13 -12.60 -1.06
CA THR C 102 8.44 -14.01 -1.06
C THR C 102 7.84 -14.74 0.13
N ILE C 103 7.58 -16.05 -0.04
CA ILE C 103 7.15 -16.96 1.03
C ILE C 103 8.36 -17.84 1.40
N SER C 104 8.56 -18.06 2.69
CA SER C 104 9.72 -18.79 3.13
C SER C 104 9.52 -20.26 2.76
N LEU C 105 10.60 -20.91 2.33
CA LEU C 105 10.64 -22.34 2.24
C LEU C 105 10.54 -22.93 3.62
N PRO C 106 10.12 -24.21 3.74
CA PRO C 106 9.79 -24.78 5.06
C PRO C 106 10.98 -25.45 5.77
N THR C 107 10.90 -25.58 7.09
CA THR C 107 12.02 -26.13 7.90
C THR C 107 11.76 -27.57 8.33
N ALA C 108 10.52 -28.03 8.24
CA ALA C 108 10.14 -29.40 8.61
C ALA C 108 8.87 -29.77 7.87
N PRO C 109 8.62 -31.07 7.61
CA PRO C 109 7.32 -31.34 7.01
C PRO C 109 6.23 -30.82 7.93
N PRO C 110 5.02 -30.70 7.42
CA PRO C 110 4.02 -30.18 8.35
C PRO C 110 3.33 -31.30 9.07
N ALA C 111 2.83 -30.99 10.25
CA ALA C 111 2.21 -32.00 11.05
C ALA C 111 0.74 -32.14 10.67
N ALA C 112 0.21 -33.35 10.83
CA ALA C 112 -1.22 -33.63 10.69
C ALA C 112 -1.96 -32.74 11.65
N GLY C 113 -3.07 -32.15 11.20
CA GLY C 113 -3.88 -31.24 12.01
C GLY C 113 -3.57 -29.76 11.75
N THR C 114 -2.36 -29.46 11.29
CA THR C 114 -1.96 -28.06 11.07
C THR C 114 -2.90 -27.32 10.08
N GLU C 115 -3.48 -26.20 10.52
CA GLU C 115 -4.33 -25.38 9.69
C GLU C 115 -3.48 -24.63 8.66
N CYS C 116 -3.90 -24.69 7.40
CA CYS C 116 -3.14 -24.16 6.25
C CYS C 116 -4.00 -23.29 5.38
N LEU C 117 -3.35 -22.53 4.53
CA LEU C 117 -4.06 -21.61 3.72
C LEU C 117 -3.72 -21.93 2.28
N ILE C 118 -4.78 -22.18 1.48
CA ILE C 118 -4.61 -22.62 0.08
C ILE C 118 -5.29 -21.60 -0.78
N SER C 119 -4.67 -21.24 -1.87
CA SER C 119 -5.26 -20.13 -2.67
C SER C 119 -5.12 -20.29 -4.18
N GLY C 120 -5.96 -19.60 -4.93
CA GLY C 120 -5.76 -19.41 -6.34
C GLY C 120 -7.03 -19.03 -7.07
N TRP C 121 -6.96 -19.00 -8.41
CA TRP C 121 -8.06 -18.64 -9.26
C TRP C 121 -8.76 -19.82 -9.99
N GLY C 122 -8.72 -20.98 -9.39
CA GLY C 122 -9.41 -22.12 -9.96
C GLY C 122 -10.91 -22.14 -9.80
N ASN C 123 -11.48 -23.23 -10.27
CA ASN C 123 -12.91 -23.40 -10.35
C ASN C 123 -13.47 -23.38 -8.92
N THR C 124 -14.65 -22.80 -8.78
CA THR C 124 -15.38 -22.76 -7.49
C THR C 124 -16.57 -23.73 -7.41
N LEU C 125 -16.76 -24.59 -8.40
CA LEU C 125 -17.81 -25.61 -8.28
C LEU C 125 -17.26 -27.03 -8.32
N SER C 126 -17.94 -27.87 -7.57
CA SER C 126 -17.70 -29.29 -7.53
C SER C 126 -18.31 -30.01 -8.78
N PHE C 127 -19.35 -29.38 -9.34
CA PHE C 127 -20.09 -29.82 -10.50
C PHE C 127 -20.36 -28.65 -11.43
N GLY C 128 -19.83 -28.66 -12.61
CA GLY C 128 -20.03 -27.50 -13.49
C GLY C 128 -18.77 -26.63 -13.43
N ALA C 129 -18.81 -25.46 -14.04
CA ALA C 129 -17.69 -24.61 -14.03
C ALA C 129 -18.08 -23.18 -13.71
N ASP C 130 -17.36 -22.56 -12.76
CA ASP C 130 -17.40 -21.13 -12.52
C ASP C 130 -16.03 -20.64 -12.04
N TYR C 131 -15.31 -20.05 -12.98
CA TYR C 131 -13.97 -19.57 -12.78
C TYR C 131 -14.00 -18.11 -12.34
N PRO C 132 -13.44 -17.84 -11.15
CA PRO C 132 -13.56 -16.52 -10.56
C PRO C 132 -12.55 -15.53 -11.13
N ASP C 133 -12.94 -14.27 -11.15
CA ASP C 133 -12.06 -13.12 -11.41
C ASP C 133 -11.03 -12.77 -10.27
N GLU C 134 -11.46 -12.90 -9.03
CA GLU C 134 -10.61 -12.51 -7.90
C GLU C 134 -10.09 -13.68 -7.15
N LEU C 135 -8.87 -13.51 -6.65
CA LEU C 135 -8.18 -14.54 -5.94
C LEU C 135 -8.99 -15.12 -4.79
N LYS C 136 -9.03 -16.47 -4.69
CA LYS C 136 -9.72 -17.19 -3.64
C LYS C 136 -8.78 -17.89 -2.68
N CYS C 137 -9.29 -18.16 -1.48
CA CYS C 137 -8.53 -18.66 -0.34
C CYS C 137 -9.38 -19.65 0.38
N LEU C 138 -8.70 -20.51 1.10
CA LEU C 138 -9.36 -21.55 1.83
C LEU C 138 -8.50 -22.01 2.97
N ASP C 139 -9.12 -22.08 4.13
CA ASP C 139 -8.45 -22.62 5.34
C ASP C 139 -8.78 -24.08 5.44
N ALA C 140 -7.72 -24.87 5.48
CA ALA C 140 -7.83 -26.33 5.53
C ALA C 140 -6.68 -27.03 6.24
N PRO C 141 -6.97 -28.12 7.00
CA PRO C 141 -5.96 -28.92 7.67
C PRO C 141 -5.28 -29.93 6.83
N VAL C 142 -4.08 -30.26 7.28
CA VAL C 142 -3.29 -31.28 6.75
C VAL C 142 -3.88 -32.57 7.26
N LEU C 143 -4.06 -33.57 6.39
CA LEU C 143 -4.61 -34.86 6.82
C LEU C 143 -3.48 -35.82 7.20
N THR C 144 -3.81 -36.87 7.94
CA THR C 144 -2.77 -37.89 8.22
C THR C 144 -2.41 -38.65 6.96
N GLN C 145 -1.19 -39.15 6.90
CA GLN C 145 -0.81 -40.08 5.83
C GLN C 145 -1.79 -41.21 5.62
N ALA C 146 -2.29 -41.77 6.71
CA ALA C 146 -3.23 -42.88 6.59
C ALA C 146 -4.52 -42.50 5.90
N GLU C 147 -5.08 -41.34 6.24
CA GLU C 147 -6.36 -40.87 5.65
C GLU C 147 -6.13 -40.60 4.15
N CYS C 148 -4.92 -40.18 3.83
CA CYS C 148 -4.58 -39.78 2.49
C CYS C 148 -4.43 -41.04 1.57
N LYS C 149 -3.69 -42.04 2.04
CA LYS C 149 -3.64 -43.35 1.40
C LYS C 149 -4.97 -44.06 1.23
N ALA C 150 -5.77 -44.12 2.27
CA ALA C 150 -7.13 -44.69 2.21
C ALA C 150 -8.01 -44.03 1.19
N SER C 151 -7.78 -42.76 0.94
CA SER C 151 -8.59 -41.99 0.03
C SER C 151 -8.16 -42.32 -1.42
N TYR C 152 -6.88 -42.61 -1.61
CA TYR C 152 -6.30 -42.88 -2.93
C TYR C 152 -5.35 -44.13 -2.91
N PRO C 153 -5.96 -45.30 -2.69
CA PRO C 153 -5.22 -46.52 -2.38
C PRO C 153 -4.23 -46.78 -3.47
N GLY C 154 -2.99 -47.03 -3.09
CA GLY C 154 -1.98 -47.29 -4.12
C GLY C 154 -1.43 -46.11 -4.90
N LYS C 155 -1.99 -44.90 -4.77
CA LYS C 155 -1.50 -43.74 -5.62
C LYS C 155 -0.59 -42.69 -4.96
N ILE C 156 -0.59 -42.66 -3.63
CA ILE C 156 0.13 -41.70 -2.87
C ILE C 156 1.61 -42.05 -2.70
N THR C 157 2.48 -41.39 -3.44
CA THR C 157 3.89 -41.55 -3.28
C THR C 157 4.46 -40.74 -2.10
N ASN C 158 5.77 -40.83 -1.98
CA ASN C 158 6.51 -40.10 -0.98
C ASN C 158 6.58 -38.60 -1.22
N SER C 159 6.32 -38.16 -2.45
CA SER C 159 6.33 -36.74 -2.71
C SER C 159 4.97 -36.12 -2.41
N MET C 160 4.01 -36.82 -1.82
CA MET C 160 2.63 -36.33 -1.81
C MET C 160 2.03 -36.33 -0.44
N PHE C 161 1.13 -35.37 -0.17
CA PHE C 161 0.31 -35.39 1.05
C PHE C 161 -1.00 -34.78 0.77
N CYS C 162 -1.98 -35.03 1.62
CA CYS C 162 -3.31 -34.54 1.42
C CYS C 162 -3.68 -33.44 2.39
N VAL C 163 -4.48 -32.49 1.90
CA VAL C 163 -4.94 -31.40 2.71
C VAL C 163 -6.38 -31.12 2.37
N GLY C 164 -7.20 -31.02 3.40
CA GLY C 164 -8.60 -30.75 3.16
C GLY C 164 -9.54 -31.34 4.16
N PHE C 165 -10.73 -31.70 3.68
CA PHE C 165 -11.84 -32.17 4.47
C PHE C 165 -12.39 -33.46 3.84
N LEU C 166 -12.49 -34.52 4.62
CA LEU C 166 -13.00 -35.77 4.10
C LEU C 166 -14.51 -35.70 3.85
N GLU C 167 -15.24 -34.86 4.57
CA GLU C 167 -16.63 -34.72 4.25
C GLU C 167 -16.86 -34.05 2.87
N GLY C 168 -15.79 -33.56 2.24
CA GLY C 168 -15.92 -32.85 0.92
C GLY C 168 -16.43 -31.43 1.06
N GLY C 169 -16.57 -30.70 -0.05
CA GLY C 169 -17.18 -29.36 0.00
C GLY C 169 -16.18 -28.21 -0.08
N LYS C 170 -14.92 -28.49 0.23
CA LYS C 170 -13.84 -27.51 0.28
C LYS C 170 -12.57 -28.11 -0.21
N ASP C 171 -11.97 -27.53 -1.25
CA ASP C 171 -10.76 -28.14 -1.89
C ASP C 171 -10.28 -27.12 -2.91
N SER C 172 -9.05 -27.30 -3.35
CA SER C 172 -8.59 -26.72 -4.62
C SER C 172 -9.14 -27.49 -5.85
N CYS C 173 -8.83 -26.99 -7.06
CA CYS C 173 -9.54 -27.38 -8.25
C CYS C 173 -8.79 -26.98 -9.52
N GLN C 174 -9.33 -27.29 -10.70
CA GLN C 174 -8.63 -26.96 -11.93
C GLN C 174 -8.41 -25.47 -11.98
N ARG C 175 -7.20 -25.13 -12.41
CA ARG C 175 -6.60 -23.82 -12.46
C ARG C 175 -5.94 -23.37 -11.20
N ASP C 176 -5.98 -24.18 -10.16
CA ASP C 176 -5.29 -23.87 -8.91
C ASP C 176 -3.91 -24.56 -8.95
N ALA C 177 -3.71 -25.51 -9.83
CA ALA C 177 -2.44 -26.26 -9.79
C ALA C 177 -1.23 -25.36 -9.80
N GLY C 178 -0.19 -25.78 -9.09
CA GLY C 178 0.97 -24.93 -8.95
C GLY C 178 0.89 -23.98 -7.77
N GLY C 179 -0.31 -23.66 -7.33
CA GLY C 179 -0.47 -22.70 -6.25
C GLY C 179 0.03 -23.20 -4.92
N PRO C 180 0.06 -22.32 -3.94
CA PRO C 180 0.67 -22.52 -2.65
C PRO C 180 -0.28 -23.09 -1.59
N VAL C 181 0.27 -23.94 -0.72
CA VAL C 181 -0.31 -24.30 0.59
C VAL C 181 0.67 -23.71 1.59
N VAL C 182 0.22 -22.71 2.35
CA VAL C 182 1.05 -22.08 3.37
C VAL C 182 0.55 -22.46 4.75
N CYS C 183 1.51 -22.90 5.58
CA CYS C 183 1.26 -23.29 6.99
C CYS C 183 2.29 -22.59 7.84
N ASN C 184 1.78 -21.78 8.76
CA ASN C 184 2.64 -21.07 9.73
C ASN C 184 3.83 -20.42 9.08
N GLY C 185 3.53 -19.55 8.15
CA GLY C 185 4.52 -18.71 7.50
C GLY C 185 5.39 -19.40 6.50
N GLN C 186 5.13 -20.68 6.24
CA GLN C 186 5.97 -21.37 5.23
C GLN C 186 5.18 -22.12 4.13
N LEU C 187 5.80 -22.19 2.96
CA LEU C 187 5.31 -22.94 1.81
C LEU C 187 5.49 -24.42 2.00
N GLN C 188 4.41 -25.14 2.29
CA GLN C 188 4.48 -26.57 2.55
C GLN C 188 4.10 -27.44 1.35
N GLY C 189 3.20 -26.92 0.53
CA GLY C 189 2.70 -27.67 -0.57
C GLY C 189 2.42 -26.94 -1.82
N VAL C 190 2.41 -27.70 -2.91
CA VAL C 190 2.01 -27.26 -4.23
C VAL C 190 0.80 -28.04 -4.73
N VAL C 191 -0.20 -27.33 -5.24
CA VAL C 191 -1.48 -27.88 -5.61
C VAL C 191 -1.22 -28.85 -6.75
N SER C 192 -1.73 -30.06 -6.69
CA SER C 192 -1.31 -31.05 -7.69
C SER C 192 -2.48 -31.71 -8.35
N TRP C 193 -3.16 -32.59 -7.63
CA TRP C 193 -4.25 -33.38 -8.21
C TRP C 193 -5.28 -33.86 -7.21
N GLY C 194 -6.41 -34.34 -7.70
CA GLY C 194 -7.29 -35.23 -6.99
C GLY C 194 -8.36 -35.78 -7.90
N HIS C 195 -9.30 -36.56 -7.33
CA HIS C 195 -10.42 -37.07 -8.10
C HIS C 195 -11.54 -36.13 -7.90
N GLY C 196 -11.82 -35.40 -8.93
CA GLY C 196 -12.83 -34.36 -8.85
C GLY C 196 -12.21 -33.23 -8.01
N CYS C 197 -13.11 -32.39 -7.51
CA CYS C 197 -12.78 -31.31 -6.59
C CYS C 197 -13.83 -31.27 -5.53
N ALA C 198 -13.40 -31.42 -4.31
CA ALA C 198 -14.25 -31.24 -3.15
C ALA C 198 -15.30 -32.34 -3.08
N TRP C 199 -14.94 -33.51 -3.57
CA TRP C 199 -15.84 -34.61 -3.40
C TRP C 199 -15.52 -35.31 -2.09
N LYS C 200 -16.56 -35.87 -1.53
CA LYS C 200 -16.43 -36.57 -0.30
C LYS C 200 -15.44 -37.68 -0.50
N ASN C 201 -14.62 -37.85 0.51
CA ASN C 201 -13.46 -38.73 0.46
C ASN C 201 -12.34 -38.55 -0.52
N ARG C 202 -12.31 -37.42 -1.21
CA ARG C 202 -11.31 -37.25 -2.21
C ARG C 202 -10.65 -35.93 -1.98
N PRO C 203 -9.87 -35.86 -0.92
CA PRO C 203 -9.18 -34.62 -0.68
C PRO C 203 -8.12 -34.31 -1.73
N GLY C 204 -7.78 -33.05 -1.89
CA GLY C 204 -6.66 -32.65 -2.72
C GLY C 204 -5.34 -33.25 -2.30
N VAL C 205 -4.49 -33.51 -3.27
CA VAL C 205 -3.23 -34.13 -3.02
C VAL C 205 -2.24 -33.11 -3.46
N TYR C 206 -1.14 -32.94 -2.69
CA TYR C 206 -0.30 -31.78 -2.81
C TYR C 206 1.11 -32.29 -2.83
N THR C 207 2.01 -31.63 -3.56
CA THR C 207 3.39 -32.01 -3.55
C THR C 207 4.02 -31.47 -2.30
N LYS C 208 4.82 -32.31 -1.60
CA LYS C 208 5.56 -31.91 -0.36
C LYS C 208 6.79 -31.06 -0.62
N VAL C 209 6.67 -29.76 -0.43
CA VAL C 209 7.76 -28.88 -0.76
C VAL C 209 9.01 -29.14 0.06
N TYR C 210 8.86 -29.46 1.36
CA TYR C 210 10.00 -29.82 2.23
C TYR C 210 11.02 -30.78 1.55
N ASN C 211 10.52 -31.79 0.87
CA ASN C 211 11.41 -32.77 0.31
C ASN C 211 12.30 -32.17 -0.75
N TYR C 212 11.98 -30.98 -1.26
CA TYR C 212 12.75 -30.41 -2.40
C TYR C 212 13.65 -29.24 -2.06
N VAL C 213 13.72 -28.93 -0.77
CA VAL C 213 14.45 -27.76 -0.30
C VAL C 213 15.88 -27.73 -0.86
N ASP C 214 16.59 -28.85 -0.82
CA ASP C 214 17.96 -28.91 -1.35
C ASP C 214 17.98 -28.79 -2.87
N TRP C 215 17.02 -29.44 -3.53
CA TRP C 215 16.95 -29.34 -5.00
C TRP C 215 16.73 -27.89 -5.47
N ILE C 216 15.86 -27.20 -4.75
CA ILE C 216 15.60 -25.81 -5.04
C ILE C 216 16.87 -24.99 -4.88
N LYS C 217 17.46 -25.00 -3.70
CA LYS C 217 18.79 -24.37 -3.48
C LYS C 217 19.82 -24.66 -4.56
N ASP C 218 19.92 -25.90 -5.00
CA ASP C 218 20.99 -26.29 -5.92
C ASP C 218 20.71 -25.72 -7.29
N THR C 219 19.46 -25.87 -7.70
CA THR C 219 18.99 -25.41 -9.00
C THR C 219 19.15 -23.87 -9.09
N ILE C 220 18.78 -23.15 -8.02
CA ILE C 220 19.04 -21.71 -7.97
C ILE C 220 20.54 -21.43 -8.13
N ALA C 221 21.40 -22.11 -7.38
CA ALA C 221 22.85 -21.79 -7.48
C ALA C 221 23.44 -22.13 -8.85
N ALA C 222 22.91 -23.19 -9.49
CA ALA C 222 23.42 -23.66 -10.77
C ALA C 222 22.91 -22.78 -11.91
N ASN C 223 21.96 -21.89 -11.60
CA ASN C 223 21.40 -20.99 -12.62
C ASN C 223 21.51 -19.50 -12.24
N SER C 224 22.68 -19.06 -11.79
CA SER C 224 22.91 -17.63 -11.49
C SER C 224 23.81 -16.97 -12.53
N ILE D 1 2.97 29.34 27.42
CA ILE D 1 2.31 30.34 28.34
C ILE D 1 3.34 30.84 29.31
N VAL D 2 3.54 32.16 29.34
CA VAL D 2 4.55 32.77 30.20
C VAL D 2 3.83 33.42 31.36
N GLY D 3 4.33 33.15 32.56
CA GLY D 3 3.81 33.76 33.78
C GLY D 3 2.44 33.23 34.23
N GLY D 4 2.03 32.04 33.79
CA GLY D 4 0.78 31.44 34.25
C GLY D 4 1.00 30.31 35.21
N TYR D 5 0.10 29.34 35.22
CA TYR D 5 0.21 28.27 36.25
C TYR D 5 -0.22 26.99 35.60
N THR D 6 0.19 25.87 36.18
CA THR D 6 -0.22 24.61 35.67
C THR D 6 -1.74 24.40 35.92
N CYS D 7 -2.55 24.17 34.90
CA CYS D 7 -3.95 23.82 35.06
C CYS D 7 -4.10 22.60 35.97
N GLU D 8 -5.24 22.51 36.63
CA GLU D 8 -5.69 21.24 37.25
C GLU D 8 -5.92 20.27 36.15
N GLU D 9 -5.50 19.05 36.37
CA GLU D 9 -5.67 18.03 35.34
C GLU D 9 -7.09 17.97 34.81
N ASN D 10 -7.24 18.21 33.53
CA ASN D 10 -8.48 17.94 32.80
C ASN D 10 -9.55 18.89 33.18
N SER D 11 -9.22 20.03 33.76
CA SER D 11 -10.19 21.08 34.00
C SER D 11 -10.49 21.92 32.75
N LEU D 12 -9.71 21.77 31.69
CA LEU D 12 -10.03 22.39 30.41
C LEU D 12 -10.21 21.27 29.36
N PRO D 13 -11.34 20.58 29.43
CA PRO D 13 -11.54 19.41 28.59
C PRO D 13 -11.68 19.70 27.10
N TYR D 14 -11.79 20.99 26.76
CA TYR D 14 -11.89 21.46 25.38
C TYR D 14 -10.50 21.68 24.71
N GLN D 15 -9.45 21.77 25.51
CA GLN D 15 -8.07 22.02 25.00
C GLN D 15 -7.53 20.80 24.31
N VAL D 16 -7.05 20.94 23.07
CA VAL D 16 -6.41 19.81 22.41
C VAL D 16 -4.98 20.16 22.04
N SER D 17 -4.20 19.15 21.82
CA SER D 17 -2.87 19.29 21.32
C SER D 17 -2.85 18.80 19.89
N LEU D 18 -2.32 19.58 18.98
CA LEU D 18 -2.10 19.08 17.62
C LEU D 18 -0.68 18.56 17.52
N ASN D 19 -0.54 17.37 16.97
CA ASN D 19 0.69 16.63 17.03
C ASN D 19 1.01 16.10 15.64
N SER D 20 2.26 16.17 15.22
CA SER D 20 2.68 15.69 13.88
C SER D 20 3.85 14.80 14.03
N GLY D 21 3.93 14.26 15.23
CA GLY D 21 5.09 13.56 15.73
C GLY D 21 5.43 14.14 17.11
N SER D 22 5.31 15.45 17.27
CA SER D 22 5.50 16.15 18.52
C SER D 22 4.41 17.16 18.50
N HIS D 23 4.19 17.78 19.65
CA HIS D 23 3.19 18.76 19.82
C HIS D 23 3.63 20.01 19.10
N PHE D 24 2.77 20.69 18.36
CA PHE D 24 3.24 21.90 17.67
C PHE D 24 2.31 23.07 17.69
N CYS D 25 1.06 22.81 18.03
CA CYS D 25 0.03 23.82 18.24
C CYS D 25 -1.04 23.33 19.17
N GLY D 26 -1.88 24.25 19.56
CA GLY D 26 -3.10 23.99 20.30
C GLY D 26 -4.34 24.00 19.41
N GLY D 27 -5.50 23.68 20.00
CA GLY D 27 -6.80 23.83 19.37
C GLY D 27 -7.89 23.73 20.45
N SER D 28 -9.15 23.85 20.02
CA SER D 28 -10.32 23.82 20.89
C SER D 28 -11.36 22.95 20.25
N LEU D 29 -11.89 22.00 21.01
CA LEU D 29 -12.97 21.14 20.55
C LEU D 29 -14.31 21.90 20.59
N ILE D 30 -14.98 22.08 19.45
CA ILE D 30 -16.22 22.80 19.46
C ILE D 30 -17.47 21.96 19.15
N SER D 31 -17.26 20.76 18.64
CA SER D 31 -18.31 19.77 18.56
C SER D 31 -17.59 18.44 18.54
N GLU D 32 -18.36 17.35 18.50
CA GLU D 32 -17.83 16.00 18.54
C GLU D 32 -16.81 15.79 17.48
N GLN D 33 -16.99 16.35 16.32
CA GLN D 33 -16.02 16.10 15.27
C GLN D 33 -15.21 17.28 14.80
N TRP D 34 -15.34 18.45 15.40
CA TRP D 34 -14.63 19.61 14.85
C TRP D 34 -13.83 20.36 15.91
N VAL D 35 -12.63 20.78 15.50
CA VAL D 35 -11.72 21.59 16.25
C VAL D 35 -11.39 22.85 15.49
N VAL D 36 -11.30 23.93 16.24
CA VAL D 36 -10.80 25.21 15.83
C VAL D 36 -9.35 25.41 16.25
N SER D 37 -8.58 25.96 15.34
CA SER D 37 -7.20 26.26 15.59
C SER D 37 -6.81 27.46 14.71
N ALA D 38 -5.51 27.71 14.55
CA ALA D 38 -5.05 28.84 13.75
C ALA D 38 -4.62 28.37 12.36
N ALA D 39 -4.89 29.20 11.36
CA ALA D 39 -4.54 28.85 9.97
C ALA D 39 -3.07 28.57 9.78
N HIS D 40 -2.27 29.31 10.50
CA HIS D 40 -0.86 29.11 10.36
C HIS D 40 -0.29 27.88 11.08
N CYS D 41 -1.13 27.18 11.83
CA CYS D 41 -0.78 25.86 12.34
C CYS D 41 -1.02 24.81 11.22
N TYR D 42 -1.37 25.22 10.01
CA TYR D 42 -1.60 24.22 8.94
C TYR D 42 -0.43 23.26 8.71
N LYS D 43 -0.74 21.97 8.67
CA LYS D 43 0.18 20.98 8.13
C LYS D 43 -0.72 20.02 7.44
N THR D 44 -0.13 19.14 6.66
CA THR D 44 -0.88 18.26 5.77
C THR D 44 -1.54 17.18 6.50
N ARG D 45 -0.77 16.62 7.45
CA ARG D 45 -1.18 15.54 8.32
C ARG D 45 -1.07 16.08 9.73
N ILE D 46 -2.13 15.86 10.50
CA ILE D 46 -2.21 16.27 11.89
C ILE D 46 -3.00 15.26 12.74
N GLN D 47 -2.52 14.98 13.95
CA GLN D 47 -3.20 14.09 14.90
C GLN D 47 -3.71 14.94 16.03
N VAL D 48 -4.98 14.78 16.35
CA VAL D 48 -5.54 15.59 17.41
C VAL D 48 -5.50 14.77 18.67
N ARG D 49 -4.99 15.35 19.73
CA ARG D 49 -4.88 14.60 20.99
C ARG D 49 -5.75 15.23 22.02
N LEU D 50 -6.75 14.48 22.49
CA LEU D 50 -7.71 15.06 23.42
C LEU D 50 -7.55 14.44 24.75
N GLY D 51 -7.95 15.18 25.77
CA GLY D 51 -7.84 14.66 27.17
C GLY D 51 -6.40 14.63 27.71
N GLU D 52 -5.56 15.43 27.08
CA GLU D 52 -4.16 15.54 27.42
C GLU D 52 -3.98 16.39 28.65
N HIS D 53 -2.96 16.06 29.41
CA HIS D 53 -2.49 17.00 30.39
C HIS D 53 -0.98 17.11 30.30
N ASN D 54 -0.30 15.99 30.48
CA ASN D 54 1.11 15.89 30.34
C ASN D 54 1.37 15.26 29.02
N ILE D 55 1.77 16.05 28.04
CA ILE D 55 1.92 15.56 26.70
C ILE D 55 3.07 14.60 26.51
N LYS D 56 3.95 14.48 27.48
CA LYS D 56 5.03 13.53 27.35
C LYS D 56 4.75 12.21 27.99
N VAL D 57 3.68 12.08 28.77
CA VAL D 57 3.40 10.79 29.44
C VAL D 57 2.03 10.20 29.13
N LEU D 58 2.02 8.93 28.75
CA LEU D 58 0.80 8.24 28.52
C LEU D 58 0.09 8.10 29.88
N GLU D 59 -0.98 8.86 30.10
CA GLU D 59 -1.79 8.80 31.33
C GLU D 59 -2.98 7.82 31.24
N GLY D 60 -3.25 7.27 30.07
CA GLY D 60 -4.30 6.25 29.87
C GLY D 60 -5.62 6.75 29.26
N ASN D 61 -6.00 8.00 29.57
CA ASN D 61 -7.28 8.52 29.09
C ASN D 61 -7.27 9.59 27.97
N GLU D 62 -6.22 9.63 27.16
CA GLU D 62 -6.21 10.53 26.07
C GLU D 62 -6.93 9.88 24.90
N GLN D 63 -7.38 10.68 23.96
CA GLN D 63 -7.86 10.13 22.69
C GLN D 63 -6.98 10.68 21.59
N PHE D 64 -6.55 9.82 20.72
CA PHE D 64 -5.68 10.21 19.67
C PHE D 64 -6.48 10.04 18.42
N ILE D 65 -6.75 11.10 17.67
CA ILE D 65 -7.61 10.96 16.52
C ILE D 65 -7.07 11.78 15.39
N ASN D 66 -6.82 11.11 14.26
CA ASN D 66 -6.36 11.84 13.06
C ASN D 66 -7.38 12.81 12.47
N ALA D 67 -6.87 13.94 11.99
CA ALA D 67 -7.69 14.92 11.27
C ALA D 67 -8.02 14.31 9.95
N ALA D 68 -9.30 14.30 9.57
CA ALA D 68 -9.70 13.87 8.22
C ALA D 68 -9.76 15.05 7.28
N LYS D 69 -9.95 16.26 7.78
CA LYS D 69 -9.97 17.44 6.93
C LYS D 69 -9.31 18.56 7.62
N ILE D 70 -8.57 19.35 6.88
CA ILE D 70 -7.92 20.45 7.50
C ILE D 70 -8.19 21.68 6.67
N ILE D 71 -9.02 22.57 7.15
CA ILE D 71 -9.52 23.63 6.29
C ILE D 71 -9.17 24.98 6.80
N ARG D 72 -8.20 25.59 6.18
CA ARG D 72 -7.90 26.96 6.51
C ARG D 72 -8.98 27.89 6.02
N HIS D 73 -9.17 28.98 6.76
CA HIS D 73 -10.00 30.05 6.27
C HIS D 73 -9.53 30.46 4.88
N PRO D 74 -10.48 30.57 3.93
CA PRO D 74 -10.11 30.81 2.52
C PRO D 74 -9.53 32.17 2.29
N LYS D 75 -9.89 33.13 3.12
CA LYS D 75 -9.27 34.45 3.11
C LYS D 75 -8.15 34.72 4.10
N TYR D 76 -7.45 33.66 4.50
CA TYR D 76 -6.26 33.83 5.35
C TYR D 76 -5.15 34.44 4.52
N ASN D 77 -4.69 35.57 4.99
CA ASN D 77 -3.68 36.34 4.33
C ASN D 77 -2.31 36.16 4.98
N ARG D 78 -1.38 35.57 4.24
CA ARG D 78 -0.09 35.25 4.76
C ARG D 78 0.74 36.49 5.00
N ASP D 79 0.37 37.60 4.37
CA ASP D 79 1.18 38.80 4.49
C ASP D 79 0.81 39.58 5.72
N THR D 80 -0.48 39.84 5.90
CA THR D 80 -1.03 40.59 7.06
C THR D 80 -1.50 39.73 8.28
N LEU D 81 -1.75 38.43 8.05
CA LEU D 81 -2.26 37.49 9.06
C LEU D 81 -3.76 37.65 9.35
N ASP D 82 -4.44 38.48 8.59
CA ASP D 82 -5.91 38.54 8.57
C ASP D 82 -6.54 37.14 8.41
N ASN D 83 -7.63 36.91 9.15
CA ASN D 83 -8.36 35.65 9.14
C ASN D 83 -7.52 34.40 9.50
N ASP D 84 -6.72 34.50 10.56
CA ASP D 84 -5.90 33.39 11.04
C ASP D 84 -6.76 32.44 11.84
N ILE D 85 -7.50 31.59 11.13
CA ILE D 85 -8.34 30.60 11.77
C ILE D 85 -8.52 29.41 10.86
N MET D 86 -8.77 28.25 11.44
CA MET D 86 -8.74 26.98 10.72
C MET D 86 -9.65 26.00 11.45
N LEU D 87 -10.27 25.12 10.71
CA LEU D 87 -11.10 24.11 11.26
C LEU D 87 -10.54 22.77 10.88
N ILE D 88 -10.60 21.82 11.80
CA ILE D 88 -10.16 20.49 11.55
C ILE D 88 -11.30 19.57 11.86
N LYS D 89 -11.54 18.64 10.97
CA LYS D 89 -12.54 17.60 11.20
C LYS D 89 -11.88 16.30 11.55
N LEU D 90 -12.32 15.71 12.66
CA LEU D 90 -11.75 14.50 13.17
C LEU D 90 -12.21 13.30 12.32
N SER D 91 -11.33 12.34 12.04
CA SER D 91 -11.71 11.15 11.25
C SER D 91 -12.73 10.27 11.92
N SER D 92 -12.88 10.41 13.23
CA SER D 92 -14.02 9.87 13.91
C SER D 92 -14.34 10.60 15.23
N PRO D 93 -15.55 10.45 15.73
CA PRO D 93 -15.97 11.43 16.73
C PRO D 93 -15.29 11.32 18.03
N ALA D 94 -14.94 12.44 18.61
CA ALA D 94 -14.44 12.41 19.99
C ALA D 94 -15.49 11.77 20.87
N VAL D 95 -15.08 10.92 21.81
CA VAL D 95 -15.94 10.41 22.87
C VAL D 95 -15.98 11.44 23.98
N ILE D 96 -17.15 12.02 24.20
CA ILE D 96 -17.38 13.06 25.22
C ILE D 96 -17.47 12.44 26.60
N ASN D 97 -16.91 13.08 27.62
CA ASN D 97 -16.82 12.56 28.96
C ASN D 97 -16.25 13.61 29.87
N ALA D 98 -15.96 13.29 31.11
CA ALA D 98 -15.51 14.32 32.05
C ALA D 98 -14.21 15.05 31.64
N ARG D 99 -13.37 14.35 30.89
CA ARG D 99 -12.07 14.86 30.47
C ARG D 99 -12.05 15.49 29.09
N VAL D 100 -13.06 15.19 28.25
CA VAL D 100 -13.09 15.64 26.86
C VAL D 100 -14.48 16.12 26.53
N SER D 101 -14.64 17.43 26.32
CA SER D 101 -15.92 18.03 25.98
C SER D 101 -15.76 19.36 25.21
N THR D 102 -16.85 19.93 24.68
CA THR D 102 -16.79 21.02 23.74
C THR D 102 -16.83 22.33 24.46
N ILE D 103 -16.34 23.40 23.82
CA ILE D 103 -16.49 24.77 24.35
C ILE D 103 -17.46 25.51 23.42
N SER D 104 -18.33 26.31 24.01
CA SER D 104 -19.37 26.96 23.25
C SER D 104 -18.73 28.03 22.39
N LEU D 105 -19.19 28.18 21.15
CA LEU D 105 -18.89 29.33 20.35
C LEU D 105 -19.52 30.55 20.94
N PRO D 106 -18.98 31.74 20.67
CA PRO D 106 -19.41 32.95 21.41
C PRO D 106 -20.67 33.61 20.81
N THR D 107 -21.39 34.41 21.60
CA THR D 107 -22.61 35.11 21.09
C THR D 107 -22.40 36.59 20.75
N ALA D 108 -21.35 37.19 21.28
CA ALA D 108 -21.05 38.61 21.11
C ALA D 108 -19.54 38.76 21.15
N PRO D 109 -18.98 39.79 20.53
CA PRO D 109 -17.57 39.97 20.82
C PRO D 109 -17.40 40.18 22.30
N PRO D 110 -16.17 40.10 22.77
CA PRO D 110 -15.99 40.29 24.21
C PRO D 110 -15.66 41.71 24.55
N ALA D 111 -16.05 42.14 25.74
CA ALA D 111 -15.83 43.49 26.14
C ALA D 111 -14.40 43.68 26.64
N ALA D 112 -13.86 44.88 26.43
CA ALA D 112 -12.59 45.26 27.02
C ALA D 112 -12.75 45.15 28.53
N GLY D 113 -11.75 44.63 29.22
CA GLY D 113 -11.78 44.36 30.63
C GLY D 113 -12.17 42.93 30.99
N THR D 114 -12.94 42.26 30.13
CA THR D 114 -13.39 40.91 30.47
C THR D 114 -12.20 39.96 30.77
N GLU D 115 -12.26 39.27 31.92
CA GLU D 115 -11.18 38.41 32.36
C GLU D 115 -11.33 37.07 31.64
N CYS D 116 -10.22 36.54 31.17
CA CYS D 116 -10.26 35.36 30.26
C CYS D 116 -9.21 34.35 30.60
N LEU D 117 -9.37 33.16 30.02
CA LEU D 117 -8.50 32.09 30.36
C LEU D 117 -7.83 31.62 29.10
N ILE D 118 -6.50 31.62 29.15
CA ILE D 118 -5.68 31.23 27.98
C ILE D 118 -4.83 30.10 28.38
N SER D 119 -4.65 29.15 27.50
CA SER D 119 -3.93 27.94 27.89
C SER D 119 -3.15 27.23 26.76
N GLY D 120 -2.19 26.40 27.13
CA GLY D 120 -1.51 25.54 26.22
C GLY D 120 -0.16 25.07 26.71
N TRP D 121 0.56 24.38 25.82
CA TRP D 121 1.85 23.85 26.13
C TRP D 121 3.02 24.65 25.54
N GLY D 122 2.84 25.92 25.29
CA GLY D 122 3.94 26.69 24.75
C GLY D 122 5.01 27.03 25.77
N ASN D 123 5.95 27.83 25.29
CA ASN D 123 7.13 28.22 26.03
C ASN D 123 6.76 29.07 27.23
N THR D 124 7.46 28.83 28.33
CA THR D 124 7.27 29.56 29.60
C THR D 124 8.33 30.65 29.90
N LEU D 125 9.23 30.94 28.96
CA LEU D 125 10.19 32.06 29.13
C LEU D 125 10.04 33.13 28.04
N SER D 126 10.21 34.35 28.48
CA SER D 126 10.31 35.51 27.62
C SER D 126 11.69 35.58 26.88
N PHE D 127 12.70 34.91 27.44
CA PHE D 127 14.05 34.90 26.97
C PHE D 127 14.61 33.50 27.16
N GLY D 128 14.95 32.83 26.09
CA GLY D 128 15.35 31.43 26.25
C GLY D 128 14.15 30.52 25.98
N ALA D 129 14.31 29.26 26.24
CA ALA D 129 13.28 28.33 25.93
C ALA D 129 13.12 27.34 27.09
N ASP D 130 11.89 27.14 27.53
CA ASP D 130 11.54 26.07 28.46
C ASP D 130 10.11 25.65 28.18
N TYR D 131 10.00 24.53 27.49
CA TYR D 131 8.74 23.97 27.09
C TYR D 131 8.20 22.99 28.14
N PRO D 132 6.99 23.25 28.60
CA PRO D 132 6.49 22.42 29.72
C PRO D 132 5.86 21.09 29.24
N ASP D 133 6.02 20.06 30.04
CA ASP D 133 5.26 18.81 29.96
C ASP D 133 3.71 18.93 30.26
N GLU D 134 3.35 19.75 31.23
CA GLU D 134 1.94 19.86 31.61
C GLU D 134 1.31 21.17 31.16
N LEU D 135 0.01 21.08 30.86
CA LEU D 135 -0.77 22.16 30.39
C LEU D 135 -0.73 23.35 31.32
N LYS D 136 -0.51 24.54 30.70
CA LYS D 136 -0.47 25.79 31.41
C LYS D 136 -1.64 26.68 31.06
N CYS D 137 -1.94 27.58 31.99
CA CYS D 137 -3.13 28.39 32.06
C CYS D 137 -2.74 29.78 32.45
N LEU D 138 -3.51 30.72 31.97
CA LEU D 138 -3.23 32.09 32.35
C LEU D 138 -4.50 32.89 32.32
N ASP D 139 -4.69 33.65 33.40
CA ASP D 139 -5.81 34.60 33.52
C ASP D 139 -5.38 35.94 33.03
N ALA D 140 -6.10 36.45 32.04
CA ALA D 140 -5.77 37.69 31.40
C ALA D 140 -6.95 38.47 30.80
N PRO D 141 -6.94 39.82 30.90
CA PRO D 141 -7.98 40.64 30.36
C PRO D 141 -7.85 40.99 28.93
N VAL D 142 -9.01 41.23 28.32
CA VAL D 142 -9.10 41.70 26.98
C VAL D 142 -8.71 43.17 27.03
N LEU D 143 -7.88 43.60 26.08
CA LEU D 143 -7.48 45.00 26.00
C LEU D 143 -8.41 45.78 25.05
N THR D 144 -8.40 47.11 25.17
CA THR D 144 -9.17 47.93 24.20
C THR D 144 -8.55 47.88 22.81
N GLN D 145 -9.36 48.07 21.76
CA GLN D 145 -8.82 48.24 20.40
C GLN D 145 -7.74 49.30 20.35
N ALA D 146 -7.92 50.39 21.06
CA ALA D 146 -6.91 51.45 21.00
C ALA D 146 -5.54 51.02 21.56
N GLU D 147 -5.51 50.28 22.67
CA GLU D 147 -4.24 49.81 23.25
C GLU D 147 -3.59 48.76 22.32
N CYS D 148 -4.47 48.00 21.67
CA CYS D 148 -4.04 46.97 20.77
C CYS D 148 -3.36 47.62 19.52
N LYS D 149 -4.07 48.51 18.81
CA LYS D 149 -3.46 49.26 17.72
C LYS D 149 -2.18 50.01 18.09
N ALA D 150 -2.20 50.75 19.19
CA ALA D 150 -1.01 51.44 19.66
C ALA D 150 0.16 50.55 19.95
N SER D 151 -0.08 49.30 20.32
CA SER D 151 1.02 48.38 20.61
C SER D 151 1.65 47.90 19.31
N TYR D 152 0.83 47.79 18.26
CA TYR D 152 1.20 47.21 16.97
C TYR D 152 0.68 48.08 15.79
N PRO D 153 1.18 49.31 15.70
CA PRO D 153 0.67 50.33 14.78
C PRO D 153 0.61 49.79 13.38
N GLY D 154 -0.53 49.99 12.76
CA GLY D 154 -0.73 49.54 11.41
C GLY D 154 -0.88 48.08 11.15
N LYS D 155 -0.84 47.19 12.16
CA LYS D 155 -0.93 45.71 11.87
C LYS D 155 -2.18 44.99 12.32
N ILE D 156 -2.95 45.61 13.22
CA ILE D 156 -4.15 45.05 13.74
C ILE D 156 -5.30 45.17 12.74
N THR D 157 -5.54 44.11 11.99
CA THR D 157 -6.76 44.00 11.22
C THR D 157 -8.04 43.82 12.05
N ASN D 158 -9.12 43.66 11.32
CA ASN D 158 -10.44 43.42 11.86
C ASN D 158 -10.64 42.04 12.48
N SER D 159 -9.90 41.06 12.00
CA SER D 159 -9.93 39.77 12.61
C SER D 159 -9.16 39.72 13.94
N MET D 160 -8.61 40.80 14.49
CA MET D 160 -7.65 40.61 15.58
C MET D 160 -8.01 41.40 16.82
N PHE D 161 -7.68 40.87 18.01
CA PHE D 161 -7.73 41.68 19.23
C PHE D 161 -6.64 41.22 20.13
N CYS D 162 -6.31 42.06 21.09
CA CYS D 162 -5.25 41.76 22.02
C CYS D 162 -5.79 41.38 23.39
N VAL D 163 -5.05 40.54 24.08
CA VAL D 163 -5.37 40.08 25.40
C VAL D 163 -4.07 39.92 26.19
N GLY D 164 -4.04 40.59 27.33
CA GLY D 164 -2.91 40.47 28.21
C GLY D 164 -2.64 41.65 29.12
N PHE D 165 -1.36 41.94 29.28
CA PHE D 165 -0.85 42.88 30.24
C PHE D 165 0.19 43.76 29.54
N LEU D 166 -0.08 45.04 29.46
CA LEU D 166 0.86 45.97 28.85
C LEU D 166 2.19 46.07 29.62
N GLU D 167 2.22 45.84 30.91
CA GLU D 167 3.49 45.82 31.61
C GLU D 167 4.33 44.58 31.22
N GLY D 168 3.72 43.66 30.48
CA GLY D 168 4.38 42.40 30.09
C GLY D 168 4.53 41.40 31.22
N GLY D 169 5.16 40.25 30.95
CA GLY D 169 5.44 39.22 31.96
C GLY D 169 4.48 38.03 31.93
N LYS D 170 3.36 38.17 31.21
CA LYS D 170 2.32 37.19 31.07
C LYS D 170 1.71 37.24 29.72
N ASP D 171 1.76 36.13 28.98
CA ASP D 171 1.30 36.11 27.57
C ASP D 171 1.39 34.66 27.16
N SER D 172 0.71 34.34 26.08
CA SER D 172 0.98 33.13 25.33
C SER D 172 2.28 33.24 24.50
N CYS D 173 2.67 32.13 23.90
CA CYS D 173 3.99 32.01 23.35
C CYS D 173 4.09 30.89 22.29
N GLN D 174 5.28 30.68 21.74
CA GLN D 174 5.43 29.70 20.67
C GLN D 174 5.00 28.35 21.20
N ARG D 175 4.31 27.61 20.36
CA ARG D 175 3.60 26.38 20.67
C ARG D 175 2.27 26.52 21.35
N ASP D 176 1.80 27.73 21.64
CA ASP D 176 0.43 27.94 22.07
C ASP D 176 -0.48 28.27 20.88
N ALA D 177 0.06 28.60 19.72
CA ALA D 177 -0.82 29.04 18.62
C ALA D 177 -1.92 28.04 18.36
N GLY D 178 -3.08 28.56 18.00
CA GLY D 178 -4.25 27.68 17.82
C GLY D 178 -5.07 27.47 19.08
N GLY D 179 -4.44 27.61 20.24
CA GLY D 179 -5.14 27.38 21.48
C GLY D 179 -6.24 28.39 21.76
N PRO D 180 -7.05 28.12 22.79
CA PRO D 180 -8.22 28.87 23.14
C PRO D 180 -8.00 30.08 24.09
N VAL D 181 -8.77 31.14 23.87
CA VAL D 181 -9.05 32.17 24.85
C VAL D 181 -10.54 32.00 25.15
N VAL D 182 -10.83 31.59 26.38
CA VAL D 182 -12.19 31.44 26.85
C VAL D 182 -12.54 32.54 27.83
N CYS D 183 -13.70 33.17 27.59
CA CYS D 183 -14.23 34.22 28.45
C CYS D 183 -15.67 33.87 28.72
N ASN D 184 -16.00 33.82 30.01
CA ASN D 184 -17.36 33.52 30.46
C ASN D 184 -18.02 32.41 29.65
N GLY D 185 -17.39 31.27 29.61
CA GLY D 185 -18.01 30.07 29.08
C GLY D 185 -17.92 29.94 27.61
N GLN D 186 -17.28 30.89 26.96
CA GLN D 186 -17.23 30.86 25.48
C GLN D 186 -15.82 31.10 24.90
N LEU D 187 -15.61 30.50 23.74
CA LEU D 187 -14.41 30.60 22.97
C LEU D 187 -14.42 31.94 22.25
N GLN D 188 -13.62 32.88 22.71
CA GLN D 188 -13.58 34.20 22.11
C GLN D 188 -12.40 34.40 21.18
N GLY D 189 -11.31 33.69 21.43
CA GLY D 189 -10.15 33.87 20.64
C GLY D 189 -9.30 32.68 20.39
N VAL D 190 -8.43 32.81 19.38
CA VAL D 190 -7.43 31.83 19.02
C VAL D 190 -6.06 32.48 19.06
N VAL D 191 -5.10 31.77 19.66
CA VAL D 191 -3.76 32.29 19.87
C VAL D 191 -3.14 32.46 18.48
N SER D 192 -2.55 33.62 18.22
CA SER D 192 -2.08 33.92 16.83
C SER D 192 -0.65 34.36 16.82
N TRP D 193 -0.38 35.62 17.15
CA TRP D 193 0.98 36.15 17.09
C TRP D 193 1.32 37.21 18.12
N GLY D 194 2.60 37.53 18.22
CA GLY D 194 3.04 38.75 18.84
C GLY D 194 4.51 39.00 18.60
N HIS D 195 5.03 40.14 19.09
CA HIS D 195 6.43 40.44 19.05
C HIS D 195 7.01 39.92 20.31
N GLY D 196 7.78 38.88 20.17
CA GLY D 196 8.29 38.20 21.36
C GLY D 196 7.05 37.60 22.06
N CYS D 197 7.26 37.31 23.36
CA CYS D 197 6.24 36.81 24.30
C CYS D 197 6.43 37.51 25.62
N ALA D 198 5.39 38.15 26.09
CA ALA D 198 5.40 38.75 27.42
C ALA D 198 6.39 39.91 27.52
N TRP D 199 6.61 40.57 26.41
CA TRP D 199 7.37 41.77 26.47
C TRP D 199 6.47 42.98 26.75
N LYS D 200 7.06 43.94 27.41
CA LYS D 200 6.33 45.09 27.74
C LYS D 200 5.85 45.72 26.45
N ASN D 201 4.63 46.18 26.47
CA ASN D 201 3.97 46.78 25.31
C ASN D 201 3.60 45.92 24.15
N ARG D 202 3.77 44.62 24.29
CA ARG D 202 3.61 43.74 23.18
C ARG D 202 2.70 42.61 23.56
N PRO D 203 1.45 42.94 23.79
CA PRO D 203 0.53 41.90 24.13
C PRO D 203 0.30 40.91 23.00
N GLY D 204 -0.13 39.71 23.37
CA GLY D 204 -0.54 38.70 22.41
C GLY D 204 -1.68 39.21 21.58
N VAL D 205 -1.72 38.79 20.33
CA VAL D 205 -2.74 39.16 19.45
C VAL D 205 -3.45 37.87 19.11
N TYR D 206 -4.79 37.93 18.97
CA TYR D 206 -5.62 36.75 18.93
C TYR D 206 -6.66 36.95 17.86
N THR D 207 -7.08 35.87 17.20
CA THR D 207 -8.13 35.94 16.21
C THR D 207 -9.45 35.98 16.90
N LYS D 208 -10.36 36.85 16.41
CA LYS D 208 -11.75 37.00 16.95
C LYS D 208 -12.66 35.90 16.46
N VAL D 209 -12.94 34.97 17.35
CA VAL D 209 -13.71 33.82 16.92
C VAL D 209 -15.11 34.24 16.53
N TYR D 210 -15.69 35.19 17.27
CA TYR D 210 -17.05 35.70 16.98
C TYR D 210 -17.27 36.01 15.50
N ASN D 211 -16.29 36.63 14.86
CA ASN D 211 -16.49 37.01 13.49
C ASN D 211 -16.62 35.82 12.59
N TYR D 212 -16.23 34.62 13.04
CA TYR D 212 -16.23 33.44 12.10
C TYR D 212 -17.35 32.43 12.37
N VAL D 213 -18.22 32.83 13.28
CA VAL D 213 -19.32 31.97 13.75
C VAL D 213 -20.16 31.41 12.60
N ASP D 214 -20.50 32.22 11.59
CA ASP D 214 -21.27 31.73 10.44
C ASP D 214 -20.45 30.83 9.53
N TRP D 215 -19.20 31.23 9.27
CA TRP D 215 -18.26 30.41 8.50
C TRP D 215 -18.09 29.02 9.12
N ILE D 216 -17.95 28.99 10.44
CA ILE D 216 -17.85 27.72 11.09
C ILE D 216 -19.11 26.89 10.86
N LYS D 217 -20.27 27.40 11.27
CA LYS D 217 -21.56 26.72 10.96
C LYS D 217 -21.67 26.17 9.53
N ASP D 218 -21.24 26.97 8.57
CA ASP D 218 -21.46 26.61 7.16
C ASP D 218 -20.53 25.48 6.77
N THR D 219 -19.27 25.70 7.11
CA THR D 219 -18.23 24.76 6.84
C THR D 219 -18.60 23.40 7.49
N ILE D 220 -19.05 23.40 8.73
CA ILE D 220 -19.52 22.13 9.32
C ILE D 220 -20.62 21.53 8.45
N ALA D 221 -21.67 22.28 8.16
CA ALA D 221 -22.76 21.73 7.30
C ALA D 221 -22.30 21.22 5.94
N ALA D 222 -21.38 21.95 5.30
CA ALA D 222 -20.88 21.60 3.97
C ALA D 222 -19.98 20.35 3.93
N ASN D 223 -19.52 19.92 5.10
CA ASN D 223 -18.58 18.80 5.19
C ASN D 223 -19.09 17.66 6.06
N SER D 224 -20.40 17.47 6.12
CA SER D 224 -21.00 16.40 6.95
C SER D 224 -21.43 15.21 6.10
N ALA E 4 23.05 7.70 53.16
CA ALA E 4 22.18 6.53 52.82
C ALA E 4 22.31 6.01 51.37
N CYS E 5 22.69 6.92 50.44
CA CYS E 5 22.80 6.66 48.99
C CYS E 5 24.18 7.05 48.47
N ALA E 6 25.08 7.35 49.39
CA ALA E 6 26.37 7.84 48.97
C ALA E 6 27.26 6.70 48.49
N ASN E 7 26.84 5.46 48.69
CA ASN E 7 27.72 4.36 48.36
C ASN E 7 27.16 3.43 47.32
N LEU E 8 26.32 3.98 46.45
CA LEU E 8 25.73 3.18 45.40
C LEU E 8 25.99 3.83 44.07
N PRO E 9 26.51 3.05 43.14
CA PRO E 9 26.55 3.52 41.77
C PRO E 9 25.17 3.43 41.05
N ILE E 10 25.07 4.06 39.89
CA ILE E 10 23.87 4.00 39.07
C ILE E 10 24.05 2.85 38.11
N VAL E 11 23.21 1.84 38.15
CA VAL E 11 23.45 0.67 37.29
C VAL E 11 22.34 0.49 36.22
N ARG E 12 22.72 0.65 34.97
CA ARG E 12 21.82 0.38 33.83
C ARG E 12 21.42 -1.09 33.65
N GLY E 13 22.36 -1.97 33.91
CA GLY E 13 22.11 -3.41 33.75
C GLY E 13 22.20 -3.80 32.30
N PRO E 14 22.09 -5.10 32.04
CA PRO E 14 22.30 -5.73 30.72
C PRO E 14 21.04 -5.82 29.81
N CYS E 15 19.87 -5.63 30.37
CA CYS E 15 18.65 -5.73 29.57
C CYS E 15 18.53 -4.55 28.65
N ARG E 16 17.63 -4.68 27.68
CA ARG E 16 17.62 -3.87 26.49
C ARG E 16 16.36 -3.06 26.31
N ALA E 17 15.62 -2.92 27.37
CA ALA E 17 14.54 -1.92 27.41
C ALA E 17 15.08 -0.50 27.72
N PHE E 18 14.18 0.47 27.72
CA PHE E 18 14.40 1.82 28.24
C PHE E 18 13.28 2.18 29.21
N ILE E 19 13.53 1.88 30.46
CA ILE E 19 12.67 2.22 31.55
C ILE E 19 13.37 3.41 32.18
N GLN E 20 12.88 4.59 31.93
CA GLN E 20 13.50 5.74 32.53
C GLN E 20 13.21 5.90 34.03
N LEU E 21 14.23 6.03 34.86
CA LEU E 21 14.05 6.14 36.34
C LEU E 21 14.93 7.19 36.97
N TRP E 22 14.82 7.23 38.30
CA TRP E 22 15.61 8.17 39.12
C TRP E 22 16.62 7.42 39.93
N ALA E 23 17.77 8.03 40.09
CA ALA E 23 18.79 7.46 40.93
C ALA E 23 19.63 8.57 41.53
N PHE E 24 20.30 8.24 42.64
CA PHE E 24 21.21 9.19 43.24
C PHE E 24 22.53 9.16 42.51
N ASP E 25 22.96 10.29 42.02
CA ASP E 25 24.32 10.38 41.49
C ASP E 25 25.22 10.86 42.63
N ALA E 26 26.05 9.96 43.15
CA ALA E 26 26.86 10.31 44.34
C ALA E 26 27.85 11.46 44.11
N VAL E 27 28.54 11.50 42.97
CA VAL E 27 29.43 12.63 42.66
C VAL E 27 28.67 13.96 42.69
N LYS E 28 27.58 14.07 41.93
CA LYS E 28 26.90 15.34 41.79
C LYS E 28 26.07 15.66 43.03
N GLY E 29 25.88 14.74 43.93
CA GLY E 29 25.08 15.02 45.14
C GLY E 29 23.56 15.06 44.97
N LYS E 30 22.99 14.87 43.76
CA LYS E 30 21.50 14.87 43.60
C LYS E 30 20.90 13.68 42.89
N CYS E 31 19.58 13.56 43.03
CA CYS E 31 18.75 12.68 42.19
C CYS E 31 18.75 13.09 40.69
N VAL E 32 19.04 12.12 39.81
CA VAL E 32 18.95 12.32 38.39
C VAL E 32 18.18 11.24 37.65
N LEU E 33 17.78 11.58 36.42
CA LEU E 33 17.13 10.65 35.46
C LEU E 33 18.20 9.71 34.89
N PHE E 34 17.89 8.44 34.78
CA PHE E 34 18.80 7.58 34.06
C PHE E 34 18.05 6.50 33.30
N PRO E 35 18.68 5.90 32.29
CA PRO E 35 18.04 4.84 31.51
C PRO E 35 18.36 3.46 31.99
N TYR E 36 17.36 2.90 32.70
CA TYR E 36 17.45 1.56 33.21
C TYR E 36 17.07 0.57 32.11
N GLY E 37 17.82 -0.50 31.97
CA GLY E 37 17.62 -1.47 30.91
C GLY E 37 16.49 -2.42 31.28
N GLY E 38 15.98 -2.30 32.51
CA GLY E 38 14.83 -3.11 32.93
C GLY E 38 15.12 -4.31 33.82
N CYS E 39 16.38 -4.68 34.02
CA CYS E 39 16.67 -5.80 34.90
C CYS E 39 17.97 -5.65 35.65
N GLN E 40 18.06 -6.36 36.78
CA GLN E 40 19.31 -6.55 37.58
C GLN E 40 19.92 -5.25 38.01
N GLY E 41 19.06 -4.32 38.39
CA GLY E 41 19.60 -3.10 38.96
C GLY E 41 20.08 -3.30 40.39
N ASN E 42 20.34 -2.19 41.05
CA ASN E 42 20.59 -2.21 42.47
C ASN E 42 19.47 -1.44 43.14
N GLY E 43 19.66 -1.05 44.39
CA GLY E 43 18.59 -0.36 45.15
C GLY E 43 18.58 1.11 44.89
N ASN E 44 19.56 1.58 44.11
CA ASN E 44 19.59 3.02 43.76
C ASN E 44 18.78 3.28 42.49
N LYS E 45 17.47 3.07 42.58
CA LYS E 45 16.53 3.43 41.54
C LYS E 45 15.13 3.56 42.06
N PHE E 46 14.46 4.61 41.60
CA PHE E 46 13.18 5.04 42.11
C PHE E 46 12.28 5.53 40.97
N TYR E 47 10.97 5.42 41.16
CA TYR E 47 9.98 5.80 40.14
C TYR E 47 9.80 7.28 40.00
N SER E 48 10.13 8.08 41.03
CA SER E 48 10.02 9.56 40.98
C SER E 48 11.20 10.22 41.63
N GLU E 49 11.47 11.47 41.23
CA GLU E 49 12.35 12.36 41.96
C GLU E 49 11.97 12.39 43.45
N LYS E 50 10.69 12.55 43.73
CA LYS E 50 10.25 12.63 45.11
C LYS E 50 10.68 11.41 45.93
N GLU E 51 10.34 10.22 45.45
CA GLU E 51 10.73 8.96 46.10
C GLU E 51 12.26 8.85 46.37
N CYS E 52 13.08 9.28 45.41
CA CYS E 52 14.52 9.25 45.52
C CYS E 52 15.07 10.25 46.57
N ARG E 53 14.60 11.50 46.53
CA ARG E 53 14.99 12.53 47.53
C ARG E 53 14.64 12.14 48.96
N GLU E 54 13.52 11.44 49.15
CA GLU E 54 13.10 11.00 50.45
C GLU E 54 13.96 9.88 50.94
N TYR E 55 14.18 8.87 50.12
CA TYR E 55 15.05 7.76 50.51
C TYR E 55 16.50 8.22 50.78
N CYS E 56 16.97 9.21 50.04
CA CYS E 56 18.36 9.65 50.17
C CYS E 56 18.62 10.81 51.18
N GLY E 57 17.72 11.80 51.33
CA GLY E 57 17.94 13.02 52.15
C GLY E 57 18.81 14.10 51.47
N ALA F 4 24.26 31.94 -3.12
CA ALA F 4 22.79 32.00 -3.31
C ALA F 4 21.98 32.20 -2.00
N CYS F 5 22.54 31.73 -0.87
CA CYS F 5 21.90 31.74 0.47
C CYS F 5 22.81 32.42 1.49
N ALA F 6 23.86 33.04 0.99
CA ALA F 6 24.83 33.61 1.92
C ALA F 6 24.33 34.92 2.50
N ASN F 7 23.24 35.46 1.96
CA ASN F 7 22.81 36.78 2.38
C ASN F 7 21.45 36.81 3.00
N LEU F 8 21.06 35.68 3.60
CA LEU F 8 19.77 35.60 4.22
C LEU F 8 19.93 35.15 5.65
N PRO F 9 19.33 35.89 6.56
CA PRO F 9 19.22 35.39 7.92
C PRO F 9 18.09 34.30 8.09
N ILE F 10 18.10 33.64 9.21
CA ILE F 10 17.08 32.65 9.54
C ILE F 10 16.00 33.37 10.31
N VAL F 11 14.77 33.44 9.80
CA VAL F 11 13.75 34.23 10.49
C VAL F 11 12.61 33.36 11.05
N ARG F 12 12.50 33.33 12.37
CA ARG F 12 11.38 32.65 13.07
C ARG F 12 10.01 33.30 12.86
N GLY F 13 9.99 34.61 12.79
CA GLY F 13 8.73 35.33 12.63
C GLY F 13 7.99 35.42 13.92
N PRO F 14 6.87 36.15 13.92
CA PRO F 14 6.07 36.50 15.09
C PRO F 14 4.96 35.48 15.48
N CYS F 15 4.62 34.59 14.58
CA CYS F 15 3.56 33.63 14.88
C CYS F 15 4.04 32.61 15.87
N ARG F 16 3.08 31.87 16.42
CA ARG F 16 3.24 31.14 17.66
C ARG F 16 3.05 29.65 17.51
N ALA F 17 3.10 29.19 16.30
CA ALA F 17 3.23 27.75 16.06
C ALA F 17 4.70 27.26 16.19
N PHE F 18 4.90 25.97 16.02
CA PHE F 18 6.20 25.33 15.85
C PHE F 18 6.14 24.42 14.62
N ILE F 19 6.52 25.01 13.51
CA ILE F 19 6.65 24.33 12.26
C ILE F 19 8.15 24.17 12.10
N GLN F 20 8.65 22.99 12.37
CA GLN F 20 10.07 22.80 12.22
C GLN F 20 10.54 22.72 10.76
N LEU F 21 11.53 23.53 10.37
CA LEU F 21 12.02 23.57 8.97
C LEU F 21 13.52 23.62 8.86
N TRP F 22 13.95 23.72 7.60
CA TRP F 22 15.39 23.84 7.28
C TRP F 22 15.70 25.20 6.77
N ALA F 23 16.88 25.68 7.13
CA ALA F 23 17.35 26.95 6.62
C ALA F 23 18.85 26.94 6.54
N PHE F 24 19.39 27.84 5.70
CA PHE F 24 20.83 27.98 5.62
C PHE F 24 21.30 28.84 6.74
N ASP F 25 22.23 28.34 7.54
CA ASP F 25 22.88 29.20 8.51
C ASP F 25 24.15 29.73 7.86
N ALA F 26 24.16 31.01 7.52
CA ALA F 26 25.30 31.57 6.77
C ALA F 26 26.65 31.51 7.53
N VAL F 27 26.67 31.81 8.83
CA VAL F 27 27.91 31.68 9.60
C VAL F 27 28.46 30.24 9.53
N LYS F 28 27.64 29.26 9.86
CA LYS F 28 28.13 27.89 9.96
C LYS F 28 28.33 27.27 8.58
N GLY F 29 27.85 27.90 7.53
CA GLY F 29 28.03 27.31 6.19
C GLY F 29 27.12 26.14 5.81
N LYS F 30 26.22 25.65 6.70
CA LYS F 30 25.30 24.52 6.32
C LYS F 30 23.83 24.74 6.57
N CYS F 31 23.03 23.88 5.95
CA CYS F 31 21.61 23.69 6.29
C CYS F 31 21.38 23.19 7.75
N VAL F 32 20.53 23.89 8.49
CA VAL F 32 20.12 23.45 9.82
C VAL F 32 18.63 23.47 10.04
N LEU F 33 18.21 22.76 11.08
CA LEU F 33 16.81 22.74 11.60
C LEU F 33 16.54 24.04 12.34
N PHE F 34 15.38 24.63 12.13
CA PHE F 34 15.03 25.74 12.97
C PHE F 34 13.53 25.78 13.23
N PRO F 35 13.10 26.46 14.29
CA PRO F 35 11.67 26.56 14.62
C PRO F 35 11.01 27.78 14.04
N TYR F 36 10.27 27.54 12.96
CA TYR F 36 9.52 28.56 12.29
C TYR F 36 8.17 28.75 13.02
N GLY F 37 7.77 29.97 13.22
CA GLY F 37 6.57 30.29 13.98
C GLY F 37 5.34 30.15 13.08
N GLY F 38 5.57 29.89 11.79
CA GLY F 38 4.45 29.64 10.86
C GLY F 38 4.06 30.79 9.95
N CYS F 39 4.58 31.99 10.15
CA CYS F 39 4.23 33.08 9.26
C CYS F 39 5.36 34.08 9.03
N GLN F 40 5.27 34.80 7.92
CA GLN F 40 6.14 35.97 7.59
C GLN F 40 7.61 35.63 7.62
N GLY F 41 7.93 34.46 7.12
CA GLY F 41 9.34 34.15 6.99
C GLY F 41 9.97 34.87 5.79
N ASN F 42 11.17 34.44 5.48
CA ASN F 42 11.80 34.86 4.24
C ASN F 42 11.96 33.65 3.36
N GLY F 43 12.80 33.73 2.33
CA GLY F 43 12.94 32.62 1.37
C GLY F 43 13.93 31.61 1.85
N ASN F 44 14.58 31.88 2.98
CA ASN F 44 15.53 30.92 3.56
C ASN F 44 14.80 29.94 4.50
N LYS F 45 13.93 29.13 3.91
CA LYS F 45 13.28 28.02 4.60
C LYS F 45 12.75 26.99 3.64
N PHE F 46 12.98 25.74 4.01
CA PHE F 46 12.73 24.59 3.16
C PHE F 46 12.17 23.42 3.98
N TYR F 47 11.40 22.55 3.31
CA TYR F 47 10.75 21.42 3.97
C TYR F 47 11.68 20.28 4.28
N SER F 48 12.83 20.18 3.57
CA SER F 48 13.84 19.11 3.83
C SER F 48 15.23 19.65 3.75
N GLU F 49 16.17 18.97 4.42
CA GLU F 49 17.59 19.15 4.21
C GLU F 49 17.92 19.10 2.70
N LYS F 50 17.40 18.10 2.02
CA LYS F 50 17.69 17.95 0.60
C LYS F 50 17.31 19.20 -0.19
N GLU F 51 16.09 19.65 -0.07
CA GLU F 51 15.60 20.86 -0.74
C GLU F 51 16.51 22.12 -0.46
N CYS F 52 16.96 22.28 0.78
CA CYS F 52 17.80 23.38 1.18
C CYS F 52 19.22 23.30 0.57
N ARG F 53 19.86 22.12 0.64
CA ARG F 53 21.19 21.90 0.03
C ARG F 53 21.21 22.14 -1.49
N GLU F 54 20.11 21.81 -2.16
CA GLU F 54 20.00 21.99 -3.58
C GLU F 54 19.85 23.45 -3.92
N TYR F 55 18.94 24.14 -3.24
CA TYR F 55 18.78 25.56 -3.48
C TYR F 55 20.03 26.37 -3.14
N CYS F 56 20.78 25.95 -2.14
CA CYS F 56 21.95 26.70 -1.68
C CYS F 56 23.30 26.31 -2.34
N GLY F 57 23.57 25.01 -2.64
CA GLY F 57 24.90 24.52 -3.12
C GLY F 57 25.94 24.33 -2.01
N ALA G 4 -37.80 4.59 -13.16
CA ALA G 4 -36.73 5.61 -13.42
C ALA G 4 -35.78 5.33 -14.63
N CYS G 5 -35.69 4.05 -15.04
CA CYS G 5 -34.86 3.56 -16.14
C CYS G 5 -35.73 2.70 -17.06
N ALA G 6 -37.02 2.69 -16.82
CA ALA G 6 -37.89 1.84 -17.62
C ALA G 6 -38.08 2.40 -19.05
N ASN G 7 -37.64 3.64 -19.30
CA ASN G 7 -37.92 4.22 -20.61
C ASN G 7 -36.68 4.60 -21.38
N LEU G 8 -35.61 3.88 -21.10
CA LEU G 8 -34.34 4.10 -21.80
C LEU G 8 -33.89 2.81 -22.45
N PRO G 9 -33.55 2.90 -23.75
CA PRO G 9 -32.90 1.81 -24.42
C PRO G 9 -31.38 1.79 -24.12
N ILE G 10 -30.74 0.72 -24.50
CA ILE G 10 -29.29 0.58 -24.34
C ILE G 10 -28.65 1.06 -25.63
N VAL G 11 -27.80 2.09 -25.59
CA VAL G 11 -27.24 2.60 -26.85
C VAL G 11 -25.71 2.42 -26.94
N ARG G 12 -25.28 1.57 -27.87
CA ARG G 12 -23.85 1.38 -28.19
C ARG G 12 -23.17 2.60 -28.82
N GLY G 13 -23.94 3.30 -29.64
CA GLY G 13 -23.41 4.48 -30.30
C GLY G 13 -22.50 4.06 -31.42
N PRO G 14 -22.02 5.04 -32.19
CA PRO G 14 -21.29 4.82 -33.43
C PRO G 14 -19.75 4.71 -33.28
N CYS G 15 -19.19 5.09 -32.15
CA CYS G 15 -17.74 5.00 -31.98
C CYS G 15 -17.32 3.56 -31.93
N ARG G 16 -16.00 3.36 -32.10
CA ARG G 16 -15.43 2.06 -32.43
C ARG G 16 -14.50 1.50 -31.36
N ALA G 17 -14.58 2.05 -30.17
CA ALA G 17 -13.93 1.42 -29.02
C ALA G 17 -14.79 0.32 -28.41
N PHE G 18 -14.25 -0.34 -27.39
CA PHE G 18 -15.00 -1.30 -26.54
C PHE G 18 -14.79 -0.94 -25.07
N ILE G 19 -15.65 -0.07 -24.59
CA ILE G 19 -15.73 0.33 -23.21
C ILE G 19 -16.90 -0.46 -22.69
N GLN G 20 -16.62 -1.51 -21.93
CA GLN G 20 -17.69 -2.26 -21.36
C GLN G 20 -18.35 -1.59 -20.16
N LEU G 21 -19.67 -1.45 -20.20
CA LEU G 21 -20.41 -0.78 -19.12
C LEU G 21 -21.65 -1.53 -18.70
N TRP G 22 -22.35 -0.91 -17.75
CA TRP G 22 -23.63 -1.45 -17.30
C TRP G 22 -24.75 -0.56 -17.73
N ALA G 23 -25.89 -1.21 -17.95
CA ALA G 23 -27.08 -0.51 -18.33
C ALA G 23 -28.30 -1.30 -17.95
N PHE G 24 -29.42 -0.58 -17.76
CA PHE G 24 -30.66 -1.25 -17.47
C PHE G 24 -31.26 -1.83 -18.70
N ASP G 25 -31.56 -3.10 -18.69
CA ASP G 25 -32.32 -3.68 -19.80
C ASP G 25 -33.78 -3.69 -19.38
N ALA G 26 -34.58 -2.83 -19.99
CA ALA G 26 -35.98 -2.67 -19.61
C ALA G 26 -36.81 -3.94 -19.82
N VAL G 27 -36.65 -4.63 -20.95
CA VAL G 27 -37.32 -5.93 -21.11
C VAL G 27 -37.01 -6.90 -19.95
N LYS G 28 -35.74 -7.13 -19.64
CA LYS G 28 -35.38 -8.13 -18.66
C LYS G 28 -35.54 -7.63 -17.26
N GLY G 29 -35.69 -6.35 -17.03
CA GLY G 29 -35.86 -5.88 -15.65
C GLY G 29 -34.59 -5.69 -14.86
N LYS G 30 -33.40 -6.05 -15.39
CA LYS G 30 -32.12 -5.91 -14.62
C LYS G 30 -31.01 -5.15 -15.31
N CYS G 31 -30.06 -4.71 -14.49
CA CYS G 31 -28.77 -4.23 -14.95
C CYS G 31 -27.97 -5.34 -15.67
N VAL G 32 -27.48 -5.04 -16.90
CA VAL G 32 -26.59 -5.95 -17.62
C VAL G 32 -25.35 -5.28 -18.18
N LEU G 33 -24.34 -6.09 -18.51
CA LEU G 33 -23.12 -5.62 -19.19
C LEU G 33 -23.44 -5.33 -20.66
N PHE G 34 -22.86 -4.28 -21.18
CA PHE G 34 -22.98 -4.06 -22.60
C PHE G 34 -21.77 -3.37 -23.18
N PRO G 35 -21.54 -3.52 -24.50
CA PRO G 35 -20.39 -2.85 -25.14
C PRO G 35 -20.66 -1.48 -25.69
N TYR G 36 -20.17 -0.50 -24.95
CA TYR G 36 -20.28 0.90 -25.33
C TYR G 36 -19.14 1.23 -26.28
N GLY G 37 -19.46 1.86 -27.39
CA GLY G 37 -18.51 2.19 -28.39
C GLY G 37 -17.69 3.38 -27.99
N GLY G 38 -18.04 4.04 -26.89
CA GLY G 38 -17.20 5.14 -26.38
C GLY G 38 -17.73 6.56 -26.53
N CYS G 39 -18.75 6.76 -27.37
CA CYS G 39 -19.32 8.09 -27.55
C CYS G 39 -20.84 8.11 -27.76
N GLN G 40 -21.46 9.24 -27.43
CA GLN G 40 -22.87 9.57 -27.79
C GLN G 40 -23.85 8.57 -27.25
N GLY G 41 -23.56 8.08 -26.07
CA GLY G 41 -24.56 7.25 -25.44
C GLY G 41 -25.73 8.08 -24.92
N ASN G 42 -26.49 7.46 -24.04
CA ASN G 42 -27.57 8.14 -23.36
C ASN G 42 -27.28 8.00 -21.90
N GLY G 43 -28.21 8.33 -21.03
CA GLY G 43 -27.94 8.30 -19.56
C GLY G 43 -28.04 6.89 -19.01
N ASN G 44 -28.46 5.92 -19.83
CA ASN G 44 -28.56 4.53 -19.34
C ASN G 44 -27.22 3.81 -19.49
N LYS G 45 -26.26 4.24 -18.69
CA LYS G 45 -24.98 3.54 -18.59
C LYS G 45 -24.19 3.97 -17.42
N PHE G 46 -23.51 3.02 -16.82
CA PHE G 46 -22.88 3.18 -15.53
C PHE G 46 -21.59 2.34 -15.49
N TYR G 47 -20.65 2.80 -14.65
CA TYR G 47 -19.36 2.12 -14.48
C TYR G 47 -19.44 0.86 -13.68
N SER G 48 -20.47 0.66 -12.84
CA SER G 48 -20.64 -0.60 -12.09
C SER G 48 -22.08 -1.05 -12.04
N GLU G 49 -22.29 -2.36 -11.88
CA GLU G 49 -23.56 -2.90 -11.47
C GLU G 49 -24.20 -2.15 -10.28
N LYS G 50 -23.40 -1.91 -9.25
CA LYS G 50 -23.91 -1.19 -8.07
C LYS G 50 -24.47 0.19 -8.42
N GLU G 51 -23.72 0.96 -9.18
CA GLU G 51 -24.14 2.29 -9.54
C GLU G 51 -25.47 2.24 -10.36
N CYS G 52 -25.62 1.23 -11.22
CA CYS G 52 -26.79 1.07 -12.04
C CYS G 52 -28.04 0.67 -11.22
N ARG G 53 -27.89 -0.32 -10.33
CA ARG G 53 -28.97 -0.71 -9.39
C ARG G 53 -29.50 0.44 -8.53
N GLU G 54 -28.61 1.32 -8.06
CA GLU G 54 -29.00 2.45 -7.26
C GLU G 54 -29.82 3.40 -8.11
N TYR G 55 -29.23 3.87 -9.21
CA TYR G 55 -29.93 4.79 -10.07
C TYR G 55 -31.29 4.23 -10.55
N CYS G 56 -31.40 2.93 -10.78
CA CYS G 56 -32.66 2.35 -11.28
C CYS G 56 -33.62 1.74 -10.21
N GLY G 57 -33.25 1.60 -8.93
CA GLY G 57 -34.04 0.81 -7.92
C GLY G 57 -34.52 -0.59 -8.34
CA ALA H 4 -8.41 -44.22 -36.16
C ALA H 4 -8.50 -43.53 -34.76
N CYS H 5 -9.53 -42.68 -34.56
CA CYS H 5 -9.80 -41.93 -33.32
C CYS H 5 -11.26 -42.16 -32.93
N ALA H 6 -11.93 -43.08 -33.62
CA ALA H 6 -13.34 -43.28 -33.33
C ALA H 6 -13.54 -44.02 -31.99
N ASN H 7 -12.48 -44.55 -31.40
CA ASN H 7 -12.66 -45.35 -30.19
C ASN H 7 -11.94 -44.82 -28.98
N LEU H 8 -11.75 -43.50 -28.97
CA LEU H 8 -11.11 -42.84 -27.85
C LEU H 8 -12.03 -41.76 -27.29
N PRO H 9 -12.21 -41.80 -25.98
CA PRO H 9 -12.88 -40.71 -25.31
C PRO H 9 -11.91 -39.53 -25.06
N ILE H 10 -12.47 -38.41 -24.64
CA ILE H 10 -11.68 -37.23 -24.31
C ILE H 10 -11.40 -37.29 -22.82
N VAL H 11 -10.14 -37.32 -22.39
CA VAL H 11 -9.89 -37.46 -20.94
C VAL H 11 -9.16 -36.23 -20.34
N ARG H 12 -9.86 -35.51 -19.48
CA ARG H 12 -9.30 -34.38 -18.71
C ARG H 12 -8.23 -34.79 -17.69
N GLY H 13 -8.44 -35.95 -17.09
CA GLY H 13 -7.50 -36.44 -16.11
C GLY H 13 -7.69 -35.69 -14.81
N PRO H 14 -6.96 -36.11 -13.77
CA PRO H 14 -7.14 -35.63 -12.41
C PRO H 14 -6.27 -34.39 -12.02
N CYS H 15 -5.28 -34.05 -12.80
CA CYS H 15 -4.45 -32.90 -12.47
C CYS H 15 -5.24 -31.63 -12.59
N ARG H 16 -4.69 -30.55 -12.01
CA ARG H 16 -5.42 -29.33 -11.72
C ARG H 16 -4.92 -28.11 -12.47
N ALA H 17 -4.14 -28.33 -13.50
CA ALA H 17 -3.83 -27.25 -14.44
C ALA H 17 -4.91 -27.06 -15.49
N PHE H 18 -4.72 -26.06 -16.34
CA PHE H 18 -5.56 -25.84 -17.54
C PHE H 18 -4.65 -25.69 -18.76
N ILE H 19 -4.35 -26.82 -19.37
CA ILE H 19 -3.61 -26.90 -20.60
C ILE H 19 -4.68 -27.16 -21.63
N GLN H 20 -5.02 -26.15 -22.40
CA GLN H 20 -5.99 -26.34 -23.42
C GLN H 20 -5.45 -27.07 -24.65
N LEU H 21 -6.13 -28.14 -25.05
CA LEU H 21 -5.68 -28.95 -26.20
C LEU H 21 -6.80 -29.29 -27.15
N TRP H 22 -6.41 -30.07 -28.17
CA TRP H 22 -7.39 -30.57 -29.13
C TRP H 22 -7.56 -32.05 -28.99
N ALA H 23 -8.76 -32.50 -29.28
CA ALA H 23 -9.07 -33.90 -29.24
C ALA H 23 -10.21 -34.22 -30.16
N PHE H 24 -10.27 -35.48 -30.61
CA PHE H 24 -11.38 -35.90 -31.43
C PHE H 24 -12.58 -36.17 -30.59
N ASP H 25 -13.69 -35.54 -30.92
CA ASP H 25 -14.95 -35.91 -30.26
C ASP H 25 -15.66 -36.91 -31.17
N ALA H 26 -15.70 -38.16 -30.74
CA ALA H 26 -16.26 -39.23 -31.57
C ALA H 26 -17.75 -39.04 -31.88
N VAL H 27 -18.55 -38.65 -30.90
CA VAL H 27 -19.96 -38.32 -31.18
C VAL H 27 -20.08 -37.26 -32.32
N LYS H 28 -19.41 -36.13 -32.18
CA LYS H 28 -19.59 -35.05 -33.13
C LYS H 28 -18.82 -35.25 -34.39
N GLY H 29 -17.88 -36.18 -34.44
CA GLY H 29 -17.15 -36.39 -35.70
C GLY H 29 -15.98 -35.44 -35.95
N LYS H 30 -15.75 -34.42 -35.10
CA LYS H 30 -14.63 -33.44 -35.34
C LYS H 30 -13.68 -33.25 -34.18
N CYS H 31 -12.52 -32.70 -34.52
CA CYS H 31 -11.59 -32.15 -33.56
C CYS H 31 -12.19 -30.94 -32.80
N VAL H 32 -12.13 -30.98 -31.45
CA VAL H 32 -12.53 -29.85 -30.62
C VAL H 32 -11.52 -29.47 -29.55
N LEU H 33 -11.65 -28.25 -29.03
CA LEU H 33 -10.83 -27.75 -27.89
C LEU H 33 -11.33 -28.43 -26.61
N PHE H 34 -10.40 -28.79 -25.74
CA PHE H 34 -10.82 -29.25 -24.44
C PHE H 34 -9.81 -28.91 -23.37
N PRO H 35 -10.26 -28.85 -22.10
CA PRO H 35 -9.34 -28.55 -20.99
C PRO H 35 -8.67 -29.75 -20.36
N TYR H 36 -7.39 -29.91 -20.70
CA TYR H 36 -6.58 -30.98 -20.16
C TYR H 36 -6.00 -30.51 -18.82
N GLY H 37 -6.13 -31.34 -17.81
CA GLY H 37 -5.67 -31.02 -16.50
C GLY H 37 -4.18 -31.13 -16.39
N GLY H 38 -3.51 -31.64 -17.41
CA GLY H 38 -2.04 -31.68 -17.41
C GLY H 38 -1.36 -33.01 -17.21
N CYS H 39 -2.10 -34.04 -16.78
CA CYS H 39 -1.52 -35.36 -16.60
C CYS H 39 -2.45 -36.54 -16.93
N GLN H 40 -1.86 -37.67 -17.27
CA GLN H 40 -2.57 -38.98 -17.37
C GLN H 40 -3.68 -38.96 -18.39
N GLY H 41 -3.46 -38.23 -19.45
CA GLY H 41 -4.41 -38.31 -20.53
C GLY H 41 -4.30 -39.64 -21.29
N ASN H 42 -4.89 -39.65 -22.47
CA ASN H 42 -4.77 -40.77 -23.36
C ASN H 42 -4.18 -40.23 -24.62
N GLY H 43 -4.17 -40.99 -25.70
CA GLY H 43 -3.53 -40.53 -26.95
C GLY H 43 -4.42 -39.59 -27.74
N ASN H 44 -5.66 -39.38 -27.29
CA ASN H 44 -6.57 -38.47 -28.01
C ASN H 44 -6.38 -37.03 -27.51
N LYS H 45 -5.23 -36.48 -27.83
CA LYS H 45 -4.97 -35.06 -27.59
C LYS H 45 -3.78 -34.56 -28.31
N PHE H 46 -3.88 -33.35 -28.79
CA PHE H 46 -2.94 -32.77 -29.72
C PHE H 46 -2.78 -31.27 -29.45
N TYR H 47 -1.61 -30.74 -29.81
CA TYR H 47 -1.30 -29.32 -29.62
C TYR H 47 -1.99 -28.41 -30.60
N SER H 48 -2.44 -28.91 -31.76
CA SER H 48 -3.20 -28.07 -32.72
C SER H 48 -4.34 -28.84 -33.36
N GLU H 49 -5.37 -28.10 -33.80
CA GLU H 49 -6.37 -28.61 -34.71
C GLU H 49 -5.76 -29.38 -35.91
N LYS H 50 -4.75 -28.79 -36.54
CA LYS H 50 -4.10 -29.44 -37.68
C LYS H 50 -3.54 -30.82 -37.33
N GLU H 51 -2.81 -30.89 -36.24
CA GLU H 51 -2.20 -32.14 -35.83
C GLU H 51 -3.29 -33.23 -35.56
N CYS H 52 -4.42 -32.81 -34.99
CA CYS H 52 -5.52 -33.70 -34.67
C CYS H 52 -6.24 -34.21 -35.93
N ARG H 53 -6.57 -33.30 -36.86
CA ARG H 53 -7.16 -33.68 -38.17
C ARG H 53 -6.30 -34.69 -38.96
N GLU H 54 -4.98 -34.54 -38.93
CA GLU H 54 -4.09 -35.44 -39.62
C GLU H 54 -4.16 -36.80 -38.97
N TYR H 55 -3.87 -36.86 -37.68
CA TYR H 55 -3.91 -38.13 -36.98
C TYR H 55 -5.27 -38.83 -37.11
N CYS H 56 -6.36 -38.09 -37.16
CA CYS H 56 -7.70 -38.72 -37.24
C CYS H 56 -8.33 -38.86 -38.65
N GLY H 57 -7.76 -38.28 -39.73
CA GLY H 57 -8.45 -38.17 -41.08
C GLY H 57 -9.90 -37.67 -41.09
CA CA I . 5.53 7.35 12.25
CA CA J . 0.50 -12.35 -28.49
CA CA K . -5.43 -7.56 -12.14
CA CA L . -0.53 12.54 28.41
#